data_6YVT
#
_entry.id   6YVT
#
_cell.length_a   84.456
_cell.length_b   103.018
_cell.length_c   196.028
_cell.angle_alpha   90.000
_cell.angle_beta   90.000
_cell.angle_gamma   90.000
#
_symmetry.space_group_name_H-M   'P 21 21 21'
#
loop_
_entity.id
_entity.type
_entity.pdbx_description
1 polymer 'Egl nine homolog 1'
2 non-polymer 'MANGANESE (II) ION'
3 non-polymer '2-[[5-(6-methoxynaphthalen-2-yl)-3-oxidanyl-pyridin-2-yl]carbonylamino]ethanoic acid'
4 non-polymer GLYCEROL
5 non-polymer 'SULFATE ION'
6 water water
#
_entity_poly.entity_id   1
_entity_poly.type   'polypeptide(L)'
_entity_poly.pdbx_seq_one_letter_code
;GSHMASPNGQTKPLPALKLALEYIVPCMNKHGICVVDDFLGKETGQQIGDEVRALHDTGKFTDGQLVSQKSDSSKDIRGD
KITWIEGKEPGCETIGLLMSSMDDLIRHCNGKLGSYKINGRTKAMVACYPGNGTGYVRHVDNPNGDGRCVTCIYYLNKDW
DAKVSGGILRIFPEGKAQFADIEPKFDRLLFFWSDRRNPHEVQPAYATRYAITVWYFDADERARAKVKYLTGEKGVRVEL
NKPSDSVGKDVF
;
_entity_poly.pdbx_strand_id   A,B,C,D,E,F
#
loop_
_chem_comp.id
_chem_comp.type
_chem_comp.name
_chem_comp.formula
GOL non-polymer GLYCEROL 'C3 H8 O3'
MN non-polymer 'MANGANESE (II) ION' 'Mn 2'
PW2 non-polymer '2-[[5-(6-methoxynaphthalen-2-yl)-3-oxidanyl-pyridin-2-yl]carbonylamino]ethanoic acid' 'C19 H16 N2 O5'
SO4 non-polymer 'SULFATE ION' 'O4 S -2'
#
# COMPACT_ATOMS: atom_id res chain seq x y z
N LEU A 14 -18.01 -0.64 43.49
CA LEU A 14 -16.76 -1.42 43.46
C LEU A 14 -15.57 -0.51 43.76
N PRO A 15 -14.57 -1.02 44.49
CA PRO A 15 -13.36 -0.23 44.74
C PRO A 15 -12.55 -0.04 43.48
N ALA A 16 -11.67 0.97 43.52
CA ALA A 16 -10.91 1.32 42.32
C ALA A 16 -10.18 0.12 41.75
N LEU A 17 -9.45 -0.63 42.60
CA LEU A 17 -8.68 -1.75 42.06
C LEU A 17 -9.58 -2.92 41.71
N LYS A 18 -10.68 -3.14 42.42
CA LYS A 18 -11.61 -4.19 42.02
C LYS A 18 -12.23 -3.87 40.66
N LEU A 19 -12.78 -2.67 40.53
CA LEU A 19 -13.31 -2.21 39.25
C LEU A 19 -12.28 -2.36 38.14
N ALA A 20 -11.04 -1.92 38.40
CA ALA A 20 -10.00 -1.96 37.39
C ALA A 20 -9.64 -3.39 37.00
N LEU A 21 -9.22 -4.20 37.97
CA LEU A 21 -8.65 -5.50 37.65
C LEU A 21 -9.73 -6.48 37.19
N GLU A 22 -10.85 -6.54 37.91
CA GLU A 22 -11.83 -7.55 37.59
C GLU A 22 -12.76 -7.16 36.45
N TYR A 23 -12.85 -5.87 36.11
CA TYR A 23 -13.68 -5.48 34.97
C TYR A 23 -12.90 -4.82 33.84
N ILE A 24 -12.24 -3.69 34.08
CA ILE A 24 -11.78 -2.88 32.95
C ILE A 24 -10.69 -3.60 32.17
N VAL A 25 -9.77 -4.25 32.88
CA VAL A 25 -8.60 -4.88 32.26
C VAL A 25 -9.07 -6.00 31.33
N PRO A 26 -9.69 -7.05 31.87
CA PRO A 26 -10.15 -8.14 30.99
C PRO A 26 -11.10 -7.67 29.92
N CYS A 27 -11.91 -6.65 30.23
CA CYS A 27 -12.92 -6.20 29.28
C CYS A 27 -12.31 -5.45 28.11
N MET A 28 -11.26 -4.65 28.37
CA MET A 28 -10.56 -4.00 27.28
C MET A 28 -9.82 -5.01 26.43
N ASN A 29 -9.23 -6.02 27.07
CA ASN A 29 -8.52 -7.04 26.32
C ASN A 29 -9.47 -7.88 25.47
N LYS A 30 -10.66 -8.18 25.99
CA LYS A 30 -11.57 -9.06 25.26
C LYS A 30 -12.35 -8.32 24.18
N HIS A 31 -12.80 -7.09 24.47
CA HIS A 31 -13.59 -6.34 23.51
C HIS A 31 -12.97 -5.02 23.07
N GLY A 32 -12.09 -4.43 23.88
CA GLY A 32 -11.55 -3.12 23.56
C GLY A 32 -12.51 -1.97 23.81
N ILE A 33 -13.65 -2.24 24.41
CA ILE A 33 -14.66 -1.23 24.74
C ILE A 33 -15.22 -1.59 26.10
N CYS A 34 -15.25 -0.61 27.00
CA CYS A 34 -15.71 -0.84 28.36
C CYS A 34 -16.62 0.29 28.79
N VAL A 35 -17.74 -0.06 29.44
CA VAL A 35 -18.65 0.93 30.00
C VAL A 35 -18.88 0.63 31.47
N VAL A 36 -18.81 1.67 32.29
CA VAL A 36 -19.01 1.62 33.73
C VAL A 36 -20.12 2.61 34.04
N ASP A 37 -21.19 2.14 34.66
CA ASP A 37 -22.30 3.02 34.97
C ASP A 37 -22.21 3.51 36.41
N ASP A 38 -22.91 4.61 36.69
CA ASP A 38 -23.00 5.18 38.04
C ASP A 38 -21.61 5.29 38.65
N PHE A 39 -20.71 5.94 37.89
CA PHE A 39 -19.29 5.93 38.22
C PHE A 39 -18.99 6.71 39.49
N LEU A 40 -19.64 7.86 39.69
CA LEU A 40 -19.38 8.69 40.85
C LEU A 40 -20.60 8.99 41.70
N GLY A 41 -21.78 8.56 41.29
CA GLY A 41 -22.99 8.79 42.07
C GLY A 41 -23.67 10.10 41.72
N LYS A 42 -24.94 10.19 42.13
CA LYS A 42 -25.76 11.35 41.78
C LYS A 42 -25.12 12.65 42.25
N GLU A 43 -24.66 12.69 43.50
CA GLU A 43 -24.20 13.95 44.06
C GLU A 43 -22.97 14.48 43.32
N THR A 44 -21.92 13.66 43.24
CA THR A 44 -20.70 14.07 42.54
C THR A 44 -20.99 14.37 41.07
N GLY A 45 -21.82 13.54 40.43
CA GLY A 45 -22.12 13.76 39.02
C GLY A 45 -22.91 15.02 38.77
N GLN A 46 -23.94 15.27 39.60
CA GLN A 46 -24.71 16.51 39.51
C GLN A 46 -23.80 17.72 39.68
N GLN A 47 -22.84 17.65 40.61
CA GLN A 47 -21.90 18.75 40.77
C GLN A 47 -21.06 18.95 39.51
N ILE A 48 -20.55 17.86 38.93
CA ILE A 48 -19.78 17.96 37.70
C ILE A 48 -20.61 18.63 36.61
N GLY A 49 -21.87 18.21 36.48
CA GLY A 49 -22.73 18.79 35.49
C GLY A 49 -22.99 20.27 35.73
N ASP A 50 -23.13 20.66 36.99
CA ASP A 50 -23.28 22.08 37.30
C ASP A 50 -22.07 22.87 36.83
N GLU A 51 -20.87 22.32 37.05
CA GLU A 51 -19.67 23.04 36.63
C GLU A 51 -19.58 23.15 35.11
N VAL A 52 -19.90 22.07 34.39
CA VAL A 52 -19.83 22.10 32.93
C VAL A 52 -20.87 23.06 32.36
N ARG A 53 -22.11 22.94 32.84
CA ARG A 53 -23.16 23.87 32.44
C ARG A 53 -22.76 25.30 32.76
N ALA A 54 -21.99 25.50 33.83
CA ALA A 54 -21.47 26.82 34.14
C ALA A 54 -20.47 27.28 33.09
N LEU A 55 -19.56 26.40 32.69
CA LEU A 55 -18.57 26.78 31.68
C LEU A 55 -19.24 27.22 30.38
N HIS A 56 -20.22 26.44 29.91
CA HIS A 56 -20.82 26.77 28.63
C HIS A 56 -21.81 27.93 28.75
N ASP A 57 -22.72 27.87 29.72
CA ASP A 57 -23.76 28.89 29.85
C ASP A 57 -23.20 30.18 30.44
N THR A 58 -21.87 30.32 30.41
CA THR A 58 -21.21 31.58 30.75
C THR A 58 -20.22 32.04 29.69
N GLY A 59 -19.82 31.19 28.76
CA GLY A 59 -18.85 31.55 27.76
C GLY A 59 -17.49 30.93 28.02
N ASP A 80 -15.42 27.11 18.98
CA ASP A 80 -14.95 26.84 20.33
C ASP A 80 -16.05 26.17 21.16
N LYS A 81 -16.69 25.16 20.59
CA LYS A 81 -17.68 24.37 21.30
C LYS A 81 -17.05 23.27 22.15
N ILE A 82 -15.77 23.45 22.49
CA ILE A 82 -15.05 22.53 23.37
C ILE A 82 -14.02 23.36 24.12
N THR A 83 -13.76 22.96 25.38
CA THR A 83 -12.74 23.66 26.17
C THR A 83 -11.87 22.64 26.90
N TRP A 84 -10.63 23.03 27.18
CA TRP A 84 -9.68 22.15 27.85
C TRP A 84 -9.49 22.57 29.29
N ILE A 85 -9.54 21.60 30.20
CA ILE A 85 -9.48 21.80 31.63
C ILE A 85 -8.33 20.97 32.19
N GLU A 86 -7.45 21.62 32.96
CA GLU A 86 -6.37 20.92 33.64
C GLU A 86 -6.85 20.29 34.94
N GLY A 87 -7.90 20.84 35.55
CA GLY A 87 -8.50 20.26 36.74
C GLY A 87 -8.30 21.06 38.01
N LYS A 88 -7.35 21.98 38.02
CA LYS A 88 -7.09 22.82 39.18
C LYS A 88 -7.58 24.25 38.97
N GLU A 89 -8.25 24.53 37.85
CA GLU A 89 -8.83 25.84 37.62
C GLU A 89 -9.92 26.11 38.65
N PRO A 90 -10.30 27.38 38.83
CA PRO A 90 -11.39 27.68 39.77
C PRO A 90 -12.74 27.28 39.20
N GLY A 91 -13.50 26.52 40.00
CA GLY A 91 -14.80 26.02 39.57
C GLY A 91 -14.76 24.69 38.86
N CYS A 92 -13.59 24.27 38.39
CA CYS A 92 -13.40 22.97 37.77
C CYS A 92 -12.86 21.94 38.74
N GLU A 93 -12.90 22.23 40.04
CA GLU A 93 -12.31 21.34 41.03
C GLU A 93 -12.97 19.97 41.01
N THR A 94 -14.29 19.93 40.84
CA THR A 94 -14.99 18.65 40.68
C THR A 94 -14.56 17.94 39.40
N ILE A 95 -14.32 18.69 38.33
CA ILE A 95 -13.83 18.09 37.09
C ILE A 95 -12.45 17.46 37.32
N GLY A 96 -11.56 18.20 37.97
CA GLY A 96 -10.27 17.64 38.33
C GLY A 96 -10.41 16.41 39.20
N LEU A 97 -11.44 16.37 40.04
CA LEU A 97 -11.73 15.16 40.81
C LEU A 97 -12.01 13.98 39.88
N LEU A 98 -12.85 14.19 38.86
CA LEU A 98 -13.15 13.12 37.92
C LEU A 98 -11.88 12.66 37.20
N MET A 99 -11.10 13.62 36.71
CA MET A 99 -9.83 13.28 36.05
C MET A 99 -8.94 12.46 36.98
N SER A 100 -8.87 12.86 38.24
CA SER A 100 -8.09 12.13 39.25
C SER A 100 -8.61 10.71 39.42
N SER A 101 -9.92 10.53 39.41
CA SER A 101 -10.48 9.18 39.57
C SER A 101 -10.12 8.30 38.38
N MET A 102 -10.25 8.83 37.17
CA MET A 102 -9.84 8.08 35.99
C MET A 102 -8.38 7.68 36.12
N ASP A 103 -7.54 8.62 36.55
CA ASP A 103 -6.12 8.34 36.77
C ASP A 103 -5.93 7.16 37.72
N ASP A 104 -6.67 7.15 38.83
CA ASP A 104 -6.56 6.05 39.78
C ASP A 104 -6.85 4.71 39.10
N LEU A 105 -7.99 4.63 38.40
CA LEU A 105 -8.31 3.41 37.66
C LEU A 105 -7.14 3.01 36.76
N ILE A 106 -6.61 3.96 36.00
CA ILE A 106 -5.60 3.66 34.99
C ILE A 106 -4.29 3.24 35.64
N ARG A 107 -3.94 3.88 36.76
CA ARG A 107 -2.78 3.44 37.54
C ARG A 107 -2.89 1.97 37.88
N HIS A 108 -4.10 1.54 38.28
CA HIS A 108 -4.26 0.13 38.65
C HIS A 108 -4.28 -0.78 37.44
N CYS A 109 -4.67 -0.27 36.28
CA CYS A 109 -4.66 -1.09 35.08
C CYS A 109 -3.27 -1.21 34.44
N ASN A 110 -2.31 -0.36 34.83
CA ASN A 110 -1.08 -0.25 34.07
C ASN A 110 -0.34 -1.57 34.01
N GLY A 111 0.21 -1.87 32.83
CA GLY A 111 0.89 -3.13 32.59
C GLY A 111 -0.03 -4.28 32.24
N LYS A 112 -1.33 -4.13 32.47
CA LYS A 112 -2.30 -5.17 32.17
C LYS A 112 -3.19 -4.82 30.98
N LEU A 113 -3.17 -3.57 30.53
CA LEU A 113 -3.95 -3.14 29.38
C LEU A 113 -3.11 -3.41 28.13
N GLY A 114 -3.34 -4.55 27.50
CA GLY A 114 -2.54 -4.90 26.35
C GLY A 114 -1.06 -4.83 26.67
N SER A 115 -0.26 -4.50 25.66
CA SER A 115 1.16 -4.31 25.83
C SER A 115 1.53 -2.84 26.00
N TYR A 116 0.54 -1.97 26.20
CA TYR A 116 0.81 -0.55 26.41
C TYR A 116 1.35 -0.30 27.81
N LYS A 117 2.27 0.66 27.90
CA LYS A 117 2.67 1.26 29.18
C LYS A 117 2.19 2.71 29.17
N ILE A 118 1.19 3.03 29.99
CA ILE A 118 0.70 4.39 30.08
C ILE A 118 1.66 5.19 30.96
N ASN A 119 2.12 6.33 30.46
CA ASN A 119 2.99 7.21 31.23
C ASN A 119 2.48 8.65 31.29
N GLY A 120 1.33 8.95 30.67
CA GLY A 120 0.81 10.30 30.74
C GLY A 120 -0.56 10.37 30.10
N ARG A 121 -1.11 11.58 30.07
CA ARG A 121 -2.41 11.81 29.46
C ARG A 121 -2.53 13.28 29.09
N THR A 122 -3.54 13.57 28.27
CA THR A 122 -3.89 14.93 27.90
C THR A 122 -4.65 15.60 29.03
N LYS A 123 -4.96 16.89 28.86
CA LYS A 123 -5.96 17.55 29.68
C LYS A 123 -7.34 17.00 29.34
N ALA A 124 -8.37 17.53 30.02
CA ALA A 124 -9.74 17.08 29.77
C ALA A 124 -10.41 18.01 28.77
N MET A 125 -11.01 17.42 27.75
CA MET A 125 -11.76 18.16 26.73
C MET A 125 -13.24 18.07 27.08
N VAL A 126 -13.83 19.17 27.50
CA VAL A 126 -15.27 19.28 27.67
C VAL A 126 -15.89 19.59 26.31
N ALA A 127 -16.84 18.75 25.90
CA ALA A 127 -17.44 18.79 24.58
C ALA A 127 -18.93 19.06 24.70
N CYS A 128 -19.41 19.96 23.85
CA CYS A 128 -20.80 20.34 23.77
C CYS A 128 -21.32 20.05 22.36
N TYR A 129 -22.43 19.34 22.28
CA TYR A 129 -23.21 19.29 21.05
C TYR A 129 -24.44 20.14 21.28
N PRO A 130 -24.55 21.30 20.61
CA PRO A 130 -25.57 22.28 21.00
C PRO A 130 -26.99 21.74 20.99
N GLY A 131 -27.26 20.68 20.24
CA GLY A 131 -28.60 20.14 20.14
C GLY A 131 -29.35 20.53 18.89
N ASN A 132 -28.65 21.00 17.85
CA ASN A 132 -29.27 21.43 16.61
C ASN A 132 -29.10 20.40 15.49
N GLY A 133 -29.12 19.11 15.85
CA GLY A 133 -28.90 18.07 14.86
C GLY A 133 -27.46 17.75 14.58
N THR A 134 -26.53 18.28 15.37
CA THR A 134 -25.12 18.06 15.14
C THR A 134 -24.68 16.70 15.64
N GLY A 135 -23.50 16.30 15.21
CA GLY A 135 -22.87 15.08 15.65
C GLY A 135 -21.42 15.13 15.29
N TYR A 136 -20.83 13.96 15.15
CA TYR A 136 -19.48 13.86 14.62
C TYR A 136 -19.43 12.66 13.68
N VAL A 137 -18.93 12.90 12.47
CA VAL A 137 -18.87 11.85 11.47
C VAL A 137 -17.92 10.75 11.91
N ARG A 138 -18.05 9.58 11.28
CA ARG A 138 -17.20 8.47 11.64
C ARG A 138 -15.73 8.90 11.55
N HIS A 139 -15.00 8.70 12.64
CA HIS A 139 -13.62 9.13 12.75
C HIS A 139 -12.87 8.14 13.62
N VAL A 140 -11.55 8.21 13.54
CA VAL A 140 -10.67 7.45 14.42
C VAL A 140 -9.87 8.47 15.23
N ASP A 141 -9.84 8.27 16.55
CA ASP A 141 -9.21 9.28 17.41
C ASP A 141 -7.73 9.44 17.08
N ASN A 142 -6.99 8.34 16.99
CA ASN A 142 -5.53 8.39 16.80
C ASN A 142 -5.11 7.47 15.65
N PRO A 143 -5.29 7.92 14.40
CA PRO A 143 -4.88 7.09 13.25
C PRO A 143 -3.46 7.30 12.77
N ASN A 144 -2.72 8.27 13.29
CA ASN A 144 -1.36 8.54 12.84
C ASN A 144 -0.35 8.38 13.97
N GLY A 145 -0.65 7.51 14.93
CA GLY A 145 0.28 7.20 16.00
C GLY A 145 0.83 8.43 16.71
N ASP A 146 -0.07 9.26 17.22
CA ASP A 146 0.35 10.43 17.98
C ASP A 146 0.57 10.12 19.45
N GLY A 147 0.41 8.86 19.85
CA GLY A 147 0.72 8.41 21.20
C GLY A 147 -0.47 7.98 22.01
N ARG A 148 -1.68 8.39 21.63
CA ARG A 148 -2.86 8.07 22.42
C ARG A 148 -3.30 6.64 22.13
N CYS A 149 -3.42 5.85 23.18
CA CYS A 149 -3.97 4.50 23.06
C CYS A 149 -5.39 4.38 23.59
N VAL A 150 -5.67 4.95 24.76
CA VAL A 150 -6.97 4.79 25.41
C VAL A 150 -7.72 6.12 25.37
N THR A 151 -9.03 6.02 25.17
CA THR A 151 -9.95 7.14 25.21
C THR A 151 -10.88 6.95 26.40
N CYS A 152 -11.06 8.02 27.16
CA CYS A 152 -11.88 8.01 28.38
C CYS A 152 -12.90 9.13 28.29
N ILE A 153 -14.17 8.76 28.17
CA ILE A 153 -15.25 9.75 28.07
C ILE A 153 -16.12 9.62 29.31
N TYR A 154 -16.58 10.77 29.80
CA TYR A 154 -17.53 10.84 30.91
C TYR A 154 -18.78 11.54 30.41
N TYR A 155 -19.95 10.99 30.76
CA TYR A 155 -21.22 11.53 30.32
C TYR A 155 -21.97 12.11 31.50
N LEU A 156 -22.52 13.32 31.31
CA LEU A 156 -23.15 14.09 32.36
C LEU A 156 -24.60 14.44 32.05
N ASN A 157 -25.23 13.67 31.18
CA ASN A 157 -26.54 14.04 30.61
C ASN A 157 -27.65 13.37 31.41
N LYS A 158 -28.42 14.18 32.12
CA LYS A 158 -29.43 13.69 33.06
C LYS A 158 -30.72 13.38 32.34
N ASP A 159 -31.25 12.18 32.59
CA ASP A 159 -32.55 11.77 32.03
C ASP A 159 -32.56 11.97 30.52
N TRP A 160 -31.59 11.34 29.86
CA TRP A 160 -31.37 11.47 28.43
C TRP A 160 -32.00 10.29 27.71
N ASP A 161 -32.89 10.57 26.75
CA ASP A 161 -33.56 9.54 25.96
C ASP A 161 -32.98 9.55 24.56
N ALA A 162 -32.40 8.41 24.14
CA ALA A 162 -31.85 8.32 22.79
C ALA A 162 -32.94 8.48 21.74
N LYS A 163 -34.11 7.90 21.98
CA LYS A 163 -35.20 7.99 21.01
C LYS A 163 -35.51 9.45 20.68
N VAL A 164 -35.75 10.26 21.71
CA VAL A 164 -36.13 11.64 21.48
C VAL A 164 -34.93 12.48 21.07
N SER A 165 -33.82 12.40 21.81
CA SER A 165 -32.68 13.27 21.58
C SER A 165 -31.57 12.63 20.78
N GLY A 166 -31.56 11.31 20.61
CA GLY A 166 -30.52 10.68 19.82
C GLY A 166 -29.17 10.86 20.47
N GLY A 167 -28.19 11.30 19.68
CA GLY A 167 -26.87 11.59 20.22
C GLY A 167 -26.10 10.37 20.64
N ILE A 168 -26.40 9.23 20.05
CA ILE A 168 -25.78 7.97 20.43
C ILE A 168 -24.38 7.87 19.83
N LEU A 169 -23.47 7.26 20.55
CA LEU A 169 -22.14 6.98 20.03
C LEU A 169 -22.11 5.56 19.49
N ARG A 170 -21.77 5.40 18.23
CA ARG A 170 -21.65 4.09 17.61
C ARG A 170 -20.19 3.79 17.38
N ILE A 171 -19.72 2.67 17.92
CA ILE A 171 -18.36 2.18 17.73
C ILE A 171 -18.44 0.92 16.88
N PHE A 172 -17.61 0.84 15.85
CA PHE A 172 -17.60 -0.32 14.96
C PHE A 172 -16.32 -1.09 15.25
N PRO A 173 -16.30 -1.92 16.29
CA PRO A 173 -15.01 -2.36 16.84
C PRO A 173 -14.26 -3.27 15.88
N GLU A 174 -13.25 -2.71 15.23
CA GLU A 174 -12.43 -3.44 14.26
C GLU A 174 -13.26 -4.41 13.44
N GLY A 175 -14.39 -3.92 12.93
CA GLY A 175 -15.35 -4.79 12.31
C GLY A 175 -16.27 -5.43 13.33
N LYS A 176 -15.99 -6.69 13.69
CA LYS A 176 -16.68 -7.41 14.75
C LYS A 176 -18.15 -7.68 14.45
N ALA A 177 -18.53 -7.52 13.19
CA ALA A 177 -19.82 -7.79 12.60
C ALA A 177 -20.96 -6.92 13.12
N GLN A 178 -20.90 -6.57 14.38
CA GLN A 178 -21.95 -5.79 15.02
C GLN A 178 -21.27 -4.59 15.66
N PHE A 179 -21.91 -3.44 15.55
CA PHE A 179 -21.42 -2.25 16.21
C PHE A 179 -21.91 -2.22 17.65
N ALA A 180 -21.54 -1.16 18.35
CA ALA A 180 -21.88 -0.94 19.75
C ALA A 180 -22.49 0.45 19.86
N ASP A 181 -23.73 0.53 20.34
CA ASP A 181 -24.38 1.81 20.55
C ASP A 181 -24.32 2.15 22.04
N ILE A 182 -23.75 3.31 22.35
CA ILE A 182 -23.56 3.77 23.71
C ILE A 182 -24.36 5.05 23.87
N GLU A 183 -25.38 5.00 24.71
CA GLU A 183 -26.11 6.20 25.08
C GLU A 183 -25.22 7.05 25.99
N PRO A 184 -25.28 8.36 25.85
CA PRO A 184 -24.53 9.26 26.76
C PRO A 184 -25.23 9.42 28.11
N LYS A 185 -25.56 8.30 28.75
CA LYS A 185 -26.30 8.33 30.01
C LYS A 185 -25.48 8.96 31.12
N PHE A 186 -26.19 9.66 32.02
CA PHE A 186 -25.56 10.44 33.09
C PHE A 186 -24.71 9.55 34.00
N ASP A 187 -23.55 10.07 34.39
CA ASP A 187 -22.63 9.37 35.29
C ASP A 187 -22.17 8.05 34.69
N ARG A 188 -21.84 8.08 33.40
CA ARG A 188 -21.36 6.90 32.69
C ARG A 188 -19.95 7.15 32.20
N LEU A 189 -19.07 6.17 32.40
CA LEU A 189 -17.67 6.25 32.06
C LEU A 189 -17.37 5.22 30.98
N LEU A 190 -16.78 5.67 29.87
CA LEU A 190 -16.51 4.83 28.72
C LEU A 190 -15.01 4.83 28.44
N PHE A 191 -14.48 3.64 28.18
CA PHE A 191 -13.11 3.47 27.71
C PHE A 191 -13.14 2.77 26.36
N PHE A 192 -12.26 3.18 25.45
CA PHE A 192 -12.04 2.36 24.26
C PHE A 192 -10.68 2.69 23.67
N TRP A 193 -10.13 1.73 22.93
CA TRP A 193 -8.85 1.99 22.27
C TRP A 193 -9.00 3.16 21.31
N SER A 194 -7.96 3.99 21.21
CA SER A 194 -8.02 5.18 20.40
C SER A 194 -7.57 4.96 18.96
N ASP A 195 -6.83 3.89 18.69
CA ASP A 195 -6.22 3.71 17.37
C ASP A 195 -7.32 3.27 16.40
N ARG A 196 -6.89 2.80 15.22
CA ARG A 196 -7.82 2.41 14.16
C ARG A 196 -8.80 1.34 14.60
N ARG A 197 -8.51 0.61 15.69
CA ARG A 197 -9.37 -0.50 16.11
C ARG A 197 -10.83 -0.08 16.27
N ASN A 198 -11.08 1.12 16.81
CA ASN A 198 -12.44 1.56 17.11
C ASN A 198 -12.80 2.80 16.30
N PRO A 199 -13.20 2.64 15.04
CA PRO A 199 -13.86 3.76 14.35
C PRO A 199 -15.20 4.02 15.01
N HIS A 200 -15.57 5.29 15.10
CA HIS A 200 -16.83 5.61 15.77
C HIS A 200 -17.39 6.91 15.26
N GLU A 201 -18.71 7.03 15.37
CA GLU A 201 -19.45 8.22 14.97
C GLU A 201 -20.37 8.62 16.12
N VAL A 202 -20.68 9.91 16.19
CA VAL A 202 -21.64 10.42 17.17
C VAL A 202 -22.91 10.79 16.40
N GLN A 203 -23.99 10.08 16.67
CA GLN A 203 -25.21 10.29 15.91
C GLN A 203 -25.85 11.62 16.29
N PRO A 204 -26.57 12.25 15.36
CA PRO A 204 -27.02 13.63 15.57
C PRO A 204 -27.73 13.83 16.91
N ALA A 205 -27.49 14.99 17.51
CA ALA A 205 -27.98 15.33 18.83
C ALA A 205 -29.02 16.43 18.71
N TYR A 206 -30.22 16.15 19.21
CA TYR A 206 -31.33 17.10 19.18
C TYR A 206 -31.60 17.71 20.54
N ALA A 207 -30.77 17.39 21.54
CA ALA A 207 -30.75 18.03 22.83
C ALA A 207 -29.30 18.34 23.18
N THR A 208 -29.10 19.27 24.12
CA THR A 208 -27.74 19.67 24.47
C THR A 208 -27.01 18.49 25.10
N ARG A 209 -25.82 18.17 24.57
CA ARG A 209 -25.09 16.96 24.95
C ARG A 209 -23.73 17.36 25.49
N TYR A 210 -23.50 17.08 26.78
CA TYR A 210 -22.25 17.40 27.44
C TYR A 210 -21.45 16.14 27.72
N ALA A 211 -20.14 16.18 27.45
CA ALA A 211 -19.28 15.07 27.87
C ALA A 211 -17.88 15.58 28.15
N ILE A 212 -17.10 14.78 28.85
CA ILE A 212 -15.71 15.11 29.16
C ILE A 212 -14.83 13.95 28.71
N THR A 213 -13.78 14.26 27.95
CA THR A 213 -12.90 13.24 27.37
C THR A 213 -11.46 13.47 27.80
N VAL A 214 -10.80 12.38 28.19
CA VAL A 214 -9.36 12.39 28.47
C VAL A 214 -8.74 11.28 27.63
N TRP A 215 -7.53 11.53 27.11
CA TRP A 215 -6.78 10.55 26.33
C TRP A 215 -5.51 10.16 27.06
N TYR A 216 -5.19 8.87 27.04
CA TYR A 216 -4.01 8.33 27.72
C TYR A 216 -2.97 7.90 26.70
N PHE A 217 -1.71 8.20 26.99
CA PHE A 217 -0.62 7.99 26.05
C PHE A 217 0.06 6.65 26.28
N ASP A 218 0.61 6.10 25.20
CA ASP A 218 1.60 5.04 25.29
C ASP A 218 2.97 5.67 25.35
N ALA A 219 3.83 5.16 26.24
CA ALA A 219 5.16 5.72 26.40
C ALA A 219 5.93 5.71 25.08
N ASP A 220 6.08 4.53 24.47
CA ASP A 220 6.91 4.40 23.29
C ASP A 220 6.31 5.13 22.10
N GLU A 221 5.03 4.90 21.82
CA GLU A 221 4.38 5.59 20.71
C GLU A 221 4.49 7.10 20.88
N ARG A 222 4.27 7.59 22.10
CA ARG A 222 4.31 9.04 22.33
C ARG A 222 5.71 9.59 22.17
N ALA A 223 6.74 8.82 22.57
CA ALA A 223 8.11 9.29 22.41
C ALA A 223 8.49 9.39 20.94
N ARG A 224 8.05 8.41 20.14
CA ARG A 224 8.28 8.49 18.70
C ARG A 224 7.50 9.63 18.07
N ALA A 225 6.32 9.93 18.61
CA ALA A 225 5.53 11.04 18.09
C ALA A 225 6.21 12.38 18.36
N LYS A 226 6.73 12.56 19.57
CA LYS A 226 7.41 13.80 19.93
C LYS A 226 8.47 14.17 18.90
N VAL A 227 9.26 13.18 18.48
CA VAL A 227 10.35 13.45 17.55
C VAL A 227 9.79 13.86 16.19
N LYS A 228 8.78 13.13 15.70
CA LYS A 228 8.23 13.43 14.38
C LYS A 228 7.64 14.83 14.32
N TYR A 229 6.99 15.27 15.40
CA TYR A 229 6.29 16.56 15.32
C TYR A 229 7.25 17.74 15.13
N LEU A 230 8.02 18.07 16.16
CA LEU A 230 8.95 19.20 16.16
C LEU A 230 8.91 20.09 14.93
N LEU B 14 38.22 -17.18 -13.92
CA LEU B 14 38.83 -16.75 -15.18
C LEU B 14 38.08 -15.53 -15.74
N PRO B 15 38.46 -15.07 -16.92
CA PRO B 15 37.66 -14.02 -17.59
C PRO B 15 36.34 -14.58 -18.08
N ALA B 16 35.33 -13.72 -18.13
CA ALA B 16 33.97 -14.19 -18.39
C ALA B 16 33.86 -14.91 -19.72
N LEU B 17 34.47 -14.35 -20.77
CA LEU B 17 34.38 -14.99 -22.09
C LEU B 17 35.09 -16.34 -22.08
N LYS B 18 36.21 -16.45 -21.37
CA LYS B 18 36.89 -17.74 -21.27
C LYS B 18 35.97 -18.78 -20.64
N LEU B 19 35.43 -18.48 -19.47
CA LEU B 19 34.49 -19.37 -18.81
C LEU B 19 33.33 -19.72 -19.71
N ALA B 20 32.80 -18.73 -20.43
CA ALA B 20 31.58 -18.92 -21.20
C ALA B 20 31.83 -19.82 -22.40
N LEU B 21 32.88 -19.53 -23.18
CA LEU B 21 33.10 -20.23 -24.43
C LEU B 21 33.81 -21.55 -24.21
N GLU B 22 34.88 -21.55 -23.41
CA GLU B 22 35.67 -22.76 -23.25
C GLU B 22 34.93 -23.82 -22.45
N TYR B 23 34.07 -23.42 -21.51
CA TYR B 23 33.42 -24.38 -20.62
C TYR B 23 31.90 -24.41 -20.70
N ILE B 24 31.21 -23.29 -20.47
CA ILE B 24 29.78 -23.39 -20.15
C ILE B 24 28.97 -23.75 -21.39
N VAL B 25 29.30 -23.17 -22.54
CA VAL B 25 28.58 -23.44 -23.78
C VAL B 25 28.75 -24.91 -24.17
N PRO B 26 29.98 -25.39 -24.36
CA PRO B 26 30.15 -26.82 -24.67
C PRO B 26 29.56 -27.73 -23.62
N CYS B 27 29.69 -27.35 -22.35
CA CYS B 27 29.24 -28.21 -21.25
C CYS B 27 27.73 -28.31 -21.19
N MET B 28 27.02 -27.23 -21.53
CA MET B 28 25.56 -27.30 -21.61
C MET B 28 25.13 -28.08 -22.84
N ASN B 29 25.76 -27.83 -23.98
CA ASN B 29 25.34 -28.45 -25.22
C ASN B 29 25.58 -29.96 -25.22
N LYS B 30 26.54 -30.44 -24.43
CA LYS B 30 26.72 -31.88 -24.33
C LYS B 30 25.85 -32.49 -23.23
N HIS B 31 25.94 -31.95 -22.02
CA HIS B 31 25.28 -32.57 -20.86
C HIS B 31 24.02 -31.85 -20.41
N GLY B 32 23.95 -30.54 -20.57
CA GLY B 32 22.86 -29.77 -20.00
C GLY B 32 23.05 -29.37 -18.56
N ILE B 33 24.20 -29.72 -17.97
CA ILE B 33 24.53 -29.42 -16.59
C ILE B 33 25.96 -28.90 -16.58
N CYS B 34 26.20 -27.82 -15.84
CA CYS B 34 27.53 -27.23 -15.81
C CYS B 34 27.83 -26.67 -14.42
N VAL B 35 29.02 -26.96 -13.91
CA VAL B 35 29.41 -26.55 -12.57
C VAL B 35 30.72 -25.78 -12.65
N VAL B 36 30.73 -24.61 -12.02
CA VAL B 36 31.89 -23.73 -11.95
C VAL B 36 32.23 -23.56 -10.48
N ASP B 37 33.49 -23.80 -10.12
CA ASP B 37 33.90 -23.73 -8.73
C ASP B 37 34.81 -22.54 -8.51
N ASP B 38 34.73 -21.98 -7.30
CA ASP B 38 35.45 -20.75 -6.96
C ASP B 38 35.09 -19.64 -7.94
N PHE B 39 33.79 -19.36 -8.02
CA PHE B 39 33.25 -18.46 -9.03
C PHE B 39 33.59 -17.01 -8.72
N LEU B 40 33.44 -16.60 -7.46
CA LEU B 40 33.68 -15.21 -7.08
C LEU B 40 34.83 -15.01 -6.10
N GLY B 41 35.30 -16.07 -5.45
CA GLY B 41 36.38 -15.94 -4.45
C GLY B 41 35.82 -15.73 -3.06
N LYS B 42 36.58 -16.26 -2.09
CA LYS B 42 36.08 -16.38 -0.71
C LYS B 42 35.58 -15.04 -0.16
N GLU B 43 36.31 -13.94 -0.40
CA GLU B 43 35.88 -12.66 0.16
C GLU B 43 34.47 -12.32 -0.31
N THR B 44 34.25 -12.31 -1.62
CA THR B 44 32.95 -11.96 -2.17
C THR B 44 31.89 -12.98 -1.77
N GLY B 45 32.27 -14.26 -1.73
CA GLY B 45 31.31 -15.30 -1.34
C GLY B 45 30.83 -15.11 0.09
N GLN B 46 31.74 -14.84 1.02
CA GLN B 46 31.35 -14.60 2.39
C GLN B 46 30.49 -13.35 2.53
N GLN B 47 30.85 -12.29 1.81
CA GLN B 47 30.02 -11.08 1.77
C GLN B 47 28.58 -11.43 1.39
N ILE B 48 28.43 -12.20 0.31
CA ILE B 48 27.10 -12.64 -0.11
C ILE B 48 26.42 -13.44 0.99
N GLY B 49 27.18 -14.33 1.64
CA GLY B 49 26.62 -15.10 2.72
C GLY B 49 26.07 -14.23 3.83
N ASP B 50 26.77 -13.14 4.14
CA ASP B 50 26.31 -12.23 5.18
C ASP B 50 25.02 -11.53 4.77
N GLU B 51 24.94 -11.08 3.52
CA GLU B 51 23.69 -10.46 3.05
C GLU B 51 22.53 -11.45 3.13
N VAL B 52 22.79 -12.72 2.84
CA VAL B 52 21.70 -13.71 2.87
C VAL B 52 21.30 -14.03 4.31
N ARG B 53 22.29 -14.21 5.19
N ARG B 53 22.29 -14.23 5.19
CA ARG B 53 22.00 -14.41 6.60
CA ARG B 53 21.99 -14.41 6.60
C ARG B 53 21.19 -13.25 7.16
C ARG B 53 21.16 -13.25 7.13
N ALA B 54 21.49 -12.02 6.70
CA ALA B 54 20.74 -10.86 7.15
C ALA B 54 19.32 -10.87 6.62
N LEU B 55 19.14 -11.23 5.35
CA LEU B 55 17.79 -11.33 4.81
C LEU B 55 16.93 -12.27 5.67
N HIS B 56 17.45 -13.45 5.98
CA HIS B 56 16.64 -14.41 6.72
C HIS B 56 16.51 -14.04 8.19
N ASP B 57 17.56 -13.47 8.80
CA ASP B 57 17.54 -13.12 10.21
C ASP B 57 16.49 -12.09 10.55
N THR B 58 15.82 -11.52 9.55
CA THR B 58 14.90 -10.42 9.79
C THR B 58 13.48 -10.84 9.45
N ILE B 77 6.76 -17.55 0.01
CA ILE B 77 5.42 -17.77 0.54
C ILE B 77 5.08 -19.26 0.55
N ARG B 78 5.95 -20.09 1.12
CA ARG B 78 5.73 -21.53 1.06
C ARG B 78 6.54 -22.24 2.13
N GLY B 79 6.38 -23.57 2.16
CA GLY B 79 7.05 -24.39 3.16
C GLY B 79 8.56 -24.27 3.09
N ASP B 80 9.12 -24.29 1.89
CA ASP B 80 10.45 -23.75 1.69
C ASP B 80 10.37 -22.23 1.86
N LYS B 81 11.36 -21.64 2.50
CA LYS B 81 11.35 -20.21 2.79
C LYS B 81 12.23 -19.48 1.77
N ILE B 82 11.63 -18.58 1.00
CA ILE B 82 12.32 -17.92 -0.10
C ILE B 82 12.02 -16.43 -0.08
N THR B 83 12.81 -15.68 -0.86
CA THR B 83 12.65 -14.24 -1.02
C THR B 83 13.19 -13.85 -2.39
N TRP B 84 12.66 -12.77 -2.95
CA TRP B 84 13.07 -12.28 -4.26
C TRP B 84 13.90 -11.01 -4.13
N ILE B 85 15.02 -10.96 -4.83
CA ILE B 85 15.99 -9.87 -4.71
C ILE B 85 16.28 -9.30 -6.09
N GLU B 86 15.98 -8.01 -6.28
CA GLU B 86 16.29 -7.33 -7.54
C GLU B 86 17.78 -7.02 -7.67
N GLY B 87 18.52 -7.03 -6.55
CA GLY B 87 19.94 -6.77 -6.56
C GLY B 87 20.34 -5.35 -6.20
N LYS B 88 19.39 -4.41 -6.23
CA LYS B 88 19.66 -3.03 -5.91
C LYS B 88 19.02 -2.58 -4.61
N GLU B 89 18.47 -3.52 -3.83
CA GLU B 89 17.86 -3.17 -2.56
C GLU B 89 18.95 -2.86 -1.53
N PRO B 90 18.67 -1.94 -0.61
CA PRO B 90 19.65 -1.64 0.44
C PRO B 90 20.10 -2.91 1.15
N GLY B 91 21.41 -3.13 1.19
CA GLY B 91 21.98 -4.25 1.89
C GLY B 91 22.10 -5.54 1.09
N CYS B 92 21.59 -5.56 -0.14
CA CYS B 92 21.72 -6.74 -1.01
C CYS B 92 22.63 -6.47 -2.20
N GLU B 93 23.46 -5.43 -2.12
CA GLU B 93 24.25 -5.01 -3.26
C GLU B 93 25.24 -6.09 -3.69
N THR B 94 25.71 -6.91 -2.75
CA THR B 94 26.65 -7.97 -3.08
C THR B 94 25.96 -9.12 -3.81
N ILE B 95 24.73 -9.45 -3.40
CA ILE B 95 23.92 -10.39 -4.18
C ILE B 95 23.71 -9.84 -5.58
N GLY B 96 23.51 -8.53 -5.71
CA GLY B 96 23.36 -7.93 -7.02
C GLY B 96 24.64 -8.03 -7.84
N LEU B 97 25.79 -7.89 -7.19
CA LEU B 97 27.06 -8.17 -7.85
C LEU B 97 27.07 -9.58 -8.41
N LEU B 98 26.60 -10.54 -7.61
CA LEU B 98 26.52 -11.93 -8.08
C LEU B 98 25.63 -12.03 -9.32
N MET B 99 24.46 -11.40 -9.28
CA MET B 99 23.55 -11.45 -10.42
C MET B 99 24.20 -10.85 -11.66
N SER B 100 24.88 -9.72 -11.50
CA SER B 100 25.59 -9.10 -12.61
C SER B 100 26.64 -10.06 -13.19
N SER B 101 27.33 -10.81 -12.34
CA SER B 101 28.35 -11.73 -12.83
C SER B 101 27.71 -12.86 -13.64
N MET B 102 26.64 -13.43 -13.11
CA MET B 102 25.88 -14.42 -13.87
C MET B 102 25.47 -13.86 -15.24
N ASP B 103 24.94 -12.65 -15.23
CA ASP B 103 24.49 -12.01 -16.46
C ASP B 103 25.63 -11.84 -17.44
N ASP B 104 26.80 -11.42 -16.96
CA ASP B 104 27.98 -11.36 -17.82
C ASP B 104 28.18 -12.70 -18.53
N LEU B 105 28.18 -13.78 -17.76
CA LEU B 105 28.39 -15.11 -18.34
C LEU B 105 27.39 -15.39 -19.45
N ILE B 106 26.10 -15.22 -19.15
CA ILE B 106 25.06 -15.50 -20.15
C ILE B 106 25.24 -14.62 -21.38
N ARG B 107 25.59 -13.34 -21.17
CA ARG B 107 25.79 -12.43 -22.29
C ARG B 107 26.83 -12.97 -23.25
N HIS B 108 27.92 -13.52 -22.73
CA HIS B 108 28.91 -14.10 -23.63
C HIS B 108 28.48 -15.46 -24.18
N CYS B 109 27.54 -16.14 -23.52
CA CYS B 109 27.02 -17.39 -24.05
C CYS B 109 25.92 -17.22 -25.09
N ASN B 110 25.38 -16.02 -25.28
CA ASN B 110 24.16 -15.89 -26.08
C ASN B 110 24.45 -16.11 -27.56
N GLY B 111 23.59 -16.88 -28.20
CA GLY B 111 23.79 -17.32 -29.56
C GLY B 111 24.54 -18.62 -29.70
N LYS B 112 24.90 -19.25 -28.58
CA LYS B 112 25.56 -20.55 -28.56
C LYS B 112 24.88 -21.56 -27.67
N LEU B 113 23.98 -21.13 -26.78
CA LEU B 113 23.25 -22.04 -25.89
C LEU B 113 22.05 -22.57 -26.65
N GLY B 114 22.22 -23.73 -27.27
CA GLY B 114 21.14 -24.33 -28.02
C GLY B 114 20.53 -23.37 -29.00
N SER B 115 19.28 -23.61 -29.36
CA SER B 115 18.53 -22.73 -30.24
C SER B 115 17.89 -21.56 -29.49
N TYR B 116 18.18 -21.42 -28.20
CA TYR B 116 17.53 -20.39 -27.42
C TYR B 116 18.10 -19.00 -27.73
N LYS B 117 17.34 -17.99 -27.33
CA LYS B 117 17.75 -16.58 -27.41
C LYS B 117 17.34 -15.96 -26.08
N ILE B 118 18.31 -15.70 -25.21
CA ILE B 118 18.01 -15.18 -23.88
C ILE B 118 17.92 -13.65 -23.96
N ASN B 119 16.76 -13.13 -23.57
CA ASN B 119 16.52 -11.70 -23.52
C ASN B 119 16.32 -11.19 -22.10
N GLY B 120 16.16 -12.08 -21.12
CA GLY B 120 15.91 -11.62 -19.77
C GLY B 120 15.98 -12.76 -18.79
N ARG B 121 15.83 -12.42 -17.52
CA ARG B 121 15.86 -13.38 -16.43
C ARG B 121 14.87 -12.96 -15.36
N THR B 122 14.66 -13.86 -14.41
CA THR B 122 13.86 -13.52 -13.24
C THR B 122 14.70 -12.67 -12.28
N LYS B 123 14.10 -12.35 -11.13
CA LYS B 123 14.88 -11.87 -10.00
C LYS B 123 15.62 -13.05 -9.38
N ALA B 124 16.39 -12.79 -8.31
CA ALA B 124 17.07 -13.85 -7.60
C ALA B 124 16.19 -14.38 -6.47
N MET B 125 16.02 -15.70 -6.44
CA MET B 125 15.35 -16.39 -5.35
C MET B 125 16.41 -16.80 -4.34
N VAL B 126 16.34 -16.24 -3.13
CA VAL B 126 17.22 -16.65 -2.04
C VAL B 126 16.47 -17.68 -1.21
N ALA B 127 16.99 -18.91 -1.17
CA ALA B 127 16.30 -20.01 -0.52
C ALA B 127 17.10 -20.58 0.64
N CYS B 128 16.36 -20.94 1.69
CA CYS B 128 16.89 -21.42 2.96
C CYS B 128 16.21 -22.74 3.29
N TYR B 129 16.99 -23.80 3.43
CA TYR B 129 16.48 -25.07 3.94
C TYR B 129 16.84 -25.20 5.40
N PRO B 130 15.86 -25.34 6.30
CA PRO B 130 16.14 -25.24 7.74
C PRO B 130 17.14 -26.24 8.27
N GLY B 131 17.37 -27.35 7.58
CA GLY B 131 18.27 -28.36 8.10
C GLY B 131 17.62 -29.38 9.02
N ASN B 132 16.30 -29.46 9.03
CA ASN B 132 15.58 -30.48 9.79
C ASN B 132 15.14 -31.63 8.89
N GLY B 133 16.00 -32.01 7.96
CA GLY B 133 15.68 -33.08 7.03
C GLY B 133 14.77 -32.66 5.91
N THR B 134 14.63 -31.36 5.69
CA THR B 134 13.88 -30.86 4.55
C THR B 134 14.66 -31.10 3.26
N GLY B 135 13.92 -31.27 2.18
CA GLY B 135 14.50 -31.37 0.87
C GLY B 135 13.52 -30.82 -0.13
N TYR B 136 13.60 -31.26 -1.38
CA TYR B 136 12.61 -30.93 -2.38
C TYR B 136 12.37 -32.18 -3.22
N VAL B 137 11.12 -32.63 -3.26
CA VAL B 137 10.80 -33.82 -4.02
C VAL B 137 11.19 -33.59 -5.49
N ARG B 138 11.58 -34.66 -6.16
CA ARG B 138 11.90 -34.63 -7.57
C ARG B 138 10.88 -33.80 -8.35
N HIS B 139 11.37 -32.88 -9.16
CA HIS B 139 10.50 -31.99 -9.92
C HIS B 139 11.19 -31.49 -11.17
N VAL B 140 10.46 -30.73 -11.98
CA VAL B 140 10.99 -30.03 -13.14
C VAL B 140 10.68 -28.55 -12.96
N ASP B 141 11.66 -27.69 -13.20
CA ASP B 141 11.48 -26.27 -12.93
C ASP B 141 10.43 -25.67 -13.86
N ASN B 142 10.51 -25.98 -15.15
CA ASN B 142 9.62 -25.40 -16.15
C ASN B 142 9.06 -26.49 -17.06
N PRO B 143 8.03 -27.21 -16.60
CA PRO B 143 7.44 -28.25 -17.44
C PRO B 143 6.32 -27.74 -18.33
N ASN B 144 5.90 -26.48 -18.16
CA ASN B 144 4.74 -25.92 -18.84
C ASN B 144 5.11 -24.98 -19.99
N GLY B 145 6.38 -24.90 -20.35
CA GLY B 145 6.79 -23.93 -21.35
C GLY B 145 6.50 -22.49 -20.96
N ASP B 146 6.81 -22.12 -19.71
CA ASP B 146 6.52 -20.77 -19.23
C ASP B 146 7.61 -19.76 -19.59
N GLY B 147 8.66 -20.18 -20.29
CA GLY B 147 9.66 -19.29 -20.83
C GLY B 147 11.04 -19.43 -20.24
N ARG B 148 11.17 -20.11 -19.10
CA ARG B 148 12.48 -20.30 -18.48
C ARG B 148 13.20 -21.48 -19.13
N CYS B 149 14.41 -21.23 -19.61
CA CYS B 149 15.21 -22.28 -20.25
C CYS B 149 16.46 -22.66 -19.47
N VAL B 150 17.02 -21.75 -18.69
CA VAL B 150 18.26 -22.01 -17.95
C VAL B 150 18.03 -21.69 -16.48
N THR B 151 18.50 -22.57 -15.62
CA THR B 151 18.49 -22.40 -14.17
C THR B 151 19.93 -22.16 -13.74
N CYS B 152 20.13 -21.10 -12.95
CA CYS B 152 21.45 -20.71 -12.47
C CYS B 152 21.39 -20.61 -10.95
N ILE B 153 22.06 -21.52 -10.27
CA ILE B 153 22.08 -21.55 -8.81
C ILE B 153 23.47 -21.20 -8.32
N TYR B 154 23.54 -20.51 -7.18
CA TYR B 154 24.79 -20.19 -6.51
C TYR B 154 24.74 -20.69 -5.08
N TYR B 155 25.83 -21.31 -4.64
CA TYR B 155 25.90 -21.96 -3.34
C TYR B 155 26.87 -21.21 -2.43
N LEU B 156 26.46 -20.98 -1.18
CA LEU B 156 27.18 -20.10 -0.28
C LEU B 156 27.33 -20.71 1.12
N ASN B 157 27.39 -22.04 1.21
CA ASN B 157 27.61 -22.73 2.48
C ASN B 157 29.08 -23.05 2.65
N LYS B 158 29.72 -22.48 3.67
CA LYS B 158 31.13 -22.80 3.90
C LYS B 158 31.27 -24.19 4.50
N ASP B 159 32.27 -24.93 4.02
CA ASP B 159 32.67 -26.21 4.59
C ASP B 159 31.47 -27.15 4.74
N TRP B 160 30.86 -27.48 3.59
CA TRP B 160 29.69 -28.35 3.55
C TRP B 160 30.14 -29.77 3.25
N ASP B 161 29.78 -30.71 4.12
CA ASP B 161 30.04 -32.13 3.92
C ASP B 161 28.71 -32.82 3.73
N ALA B 162 28.48 -33.36 2.52
CA ALA B 162 27.21 -34.02 2.23
C ALA B 162 26.98 -35.20 3.16
N LYS B 163 28.04 -35.94 3.50
CA LYS B 163 27.89 -37.06 4.41
C LYS B 163 27.34 -36.59 5.75
N VAL B 164 27.92 -35.54 6.31
CA VAL B 164 27.46 -35.02 7.60
C VAL B 164 26.08 -34.39 7.45
N SER B 165 25.93 -33.45 6.51
CA SER B 165 24.75 -32.61 6.45
C SER B 165 23.78 -32.99 5.34
N GLY B 166 24.18 -33.84 4.39
CA GLY B 166 23.26 -34.23 3.33
C GLY B 166 23.06 -33.11 2.34
N GLY B 167 21.80 -32.86 1.98
CA GLY B 167 21.46 -31.76 1.10
C GLY B 167 22.16 -31.78 -0.24
N ILE B 168 22.25 -32.94 -0.87
CA ILE B 168 22.83 -33.06 -2.20
C ILE B 168 21.74 -32.84 -3.23
N LEU B 169 22.09 -32.18 -4.34
CA LEU B 169 21.17 -31.97 -5.45
C LEU B 169 21.42 -33.07 -6.47
N ARG B 170 20.42 -33.93 -6.69
CA ARG B 170 20.52 -35.01 -7.66
C ARG B 170 19.68 -34.63 -8.88
N ILE B 171 20.31 -34.62 -10.05
CA ILE B 171 19.68 -34.28 -11.32
C ILE B 171 19.68 -35.53 -12.19
N PHE B 172 18.60 -35.74 -12.93
CA PHE B 172 18.43 -36.94 -13.76
C PHE B 172 18.27 -36.54 -15.22
N PRO B 173 19.34 -36.45 -16.00
CA PRO B 173 19.20 -36.01 -17.40
C PRO B 173 18.33 -36.98 -18.20
N GLU B 174 17.68 -36.42 -19.23
CA GLU B 174 16.77 -37.18 -20.07
C GLU B 174 17.49 -38.34 -20.76
N GLY B 175 16.96 -39.54 -20.54
CA GLY B 175 17.40 -40.70 -21.30
C GLY B 175 18.80 -41.20 -21.04
N LYS B 176 19.56 -40.57 -20.15
CA LYS B 176 20.86 -41.11 -19.74
C LYS B 176 20.70 -41.77 -18.38
N ALA B 177 21.29 -42.96 -18.23
CA ALA B 177 21.01 -43.80 -17.07
C ALA B 177 21.57 -43.20 -15.80
N GLN B 178 22.87 -42.89 -15.78
CA GLN B 178 23.48 -42.33 -14.60
C GLN B 178 22.84 -40.98 -14.27
N PHE B 179 22.99 -40.59 -13.02
CA PHE B 179 22.47 -39.31 -12.53
C PHE B 179 23.65 -38.43 -12.10
N ALA B 180 23.34 -37.20 -11.72
CA ALA B 180 24.35 -36.21 -11.38
C ALA B 180 24.11 -35.69 -9.97
N ASP B 181 25.07 -35.91 -9.09
CA ASP B 181 25.03 -35.33 -7.74
C ASP B 181 25.86 -34.06 -7.72
N ILE B 182 25.31 -33.01 -7.12
CA ILE B 182 26.02 -31.75 -6.95
C ILE B 182 25.91 -31.37 -5.48
N GLU B 183 27.05 -31.33 -4.80
CA GLU B 183 27.10 -30.83 -3.44
C GLU B 183 26.96 -29.30 -3.45
N PRO B 184 26.21 -28.73 -2.50
CA PRO B 184 26.03 -27.27 -2.48
C PRO B 184 27.21 -26.54 -1.85
N LYS B 185 28.40 -26.74 -2.45
CA LYS B 185 29.63 -26.19 -1.90
C LYS B 185 29.66 -24.66 -2.02
N PHE B 186 30.36 -24.04 -1.08
CA PHE B 186 30.52 -22.59 -1.07
C PHE B 186 31.23 -22.10 -2.33
N ASP B 187 30.71 -21.00 -2.87
CA ASP B 187 31.25 -20.35 -4.07
C ASP B 187 31.08 -21.21 -5.32
N ARG B 188 30.05 -22.02 -5.37
CA ARG B 188 29.80 -22.86 -6.54
C ARG B 188 28.64 -22.31 -7.36
N LEU B 189 28.80 -22.35 -8.68
CA LEU B 189 27.79 -21.88 -9.62
C LEU B 189 27.36 -23.05 -10.48
N LEU B 190 26.06 -23.25 -10.60
CA LEU B 190 25.48 -24.37 -11.34
C LEU B 190 24.54 -23.83 -12.41
N PHE B 191 24.59 -24.44 -13.59
CA PHE B 191 23.69 -24.16 -14.70
C PHE B 191 23.05 -25.46 -15.12
N PHE B 192 21.73 -25.46 -15.35
CA PHE B 192 21.13 -26.59 -16.04
C PHE B 192 19.88 -26.16 -16.79
N TRP B 193 19.54 -26.88 -17.85
CA TRP B 193 18.29 -26.62 -18.53
C TRP B 193 17.13 -26.79 -17.54
N SER B 194 16.18 -25.87 -17.59
CA SER B 194 15.08 -25.88 -16.62
C SER B 194 13.94 -26.79 -17.02
N ASP B 195 13.87 -27.20 -18.29
CA ASP B 195 12.72 -27.92 -18.80
C ASP B 195 12.78 -29.40 -18.39
N ARG B 196 11.93 -30.20 -19.02
CA ARG B 196 11.72 -31.60 -18.64
C ARG B 196 12.96 -32.47 -18.80
N ARG B 197 13.99 -31.99 -19.50
CA ARG B 197 15.20 -32.79 -19.65
C ARG B 197 15.87 -33.07 -18.32
N ASN B 198 15.76 -32.15 -17.37
CA ASN B 198 16.51 -32.21 -16.11
C ASN B 198 15.55 -32.20 -14.93
N PRO B 199 14.88 -33.33 -14.65
CA PRO B 199 14.26 -33.49 -13.34
C PRO B 199 15.34 -33.46 -12.28
N HIS B 200 15.01 -32.95 -11.11
CA HIS B 200 15.99 -32.91 -10.04
C HIS B 200 15.28 -32.94 -8.69
N GLU B 201 16.03 -33.38 -7.69
CA GLU B 201 15.56 -33.45 -6.31
C GLU B 201 16.67 -32.94 -5.42
N VAL B 202 16.29 -32.47 -4.23
CA VAL B 202 17.21 -32.00 -3.22
C VAL B 202 17.14 -32.98 -2.06
N GLN B 203 18.22 -33.73 -1.82
CA GLN B 203 18.19 -34.71 -0.75
C GLN B 203 18.06 -33.99 0.60
N PRO B 204 17.44 -34.63 1.59
CA PRO B 204 17.18 -33.94 2.86
C PRO B 204 18.43 -33.35 3.48
N ALA B 205 18.25 -32.18 4.10
CA ALA B 205 19.35 -31.35 4.58
C ALA B 205 19.35 -31.34 6.10
N TYR B 206 20.50 -31.63 6.69
CA TYR B 206 20.67 -31.69 8.14
C TYR B 206 21.57 -30.57 8.66
N ALA B 207 21.59 -29.46 7.92
CA ALA B 207 22.16 -28.20 8.35
C ALA B 207 21.48 -27.13 7.51
N THR B 208 21.45 -25.91 8.04
CA THR B 208 20.86 -24.81 7.29
C THR B 208 21.61 -24.64 5.97
N ARG B 209 20.85 -24.65 4.87
CA ARG B 209 21.41 -24.72 3.51
C ARG B 209 20.88 -23.55 2.70
N TYR B 210 21.78 -22.81 2.07
CA TYR B 210 21.42 -21.57 1.41
C TYR B 210 21.81 -21.61 -0.06
N ALA B 211 20.93 -21.10 -0.93
CA ALA B 211 21.29 -20.96 -2.34
C ALA B 211 20.55 -19.79 -2.98
N ILE B 212 21.16 -19.21 -4.01
CA ILE B 212 20.53 -18.15 -4.80
C ILE B 212 20.31 -18.67 -6.21
N THR B 213 19.08 -18.57 -6.70
CA THR B 213 18.69 -19.07 -8.01
C THR B 213 18.18 -17.94 -8.89
N VAL B 214 18.58 -17.96 -10.16
CA VAL B 214 18.02 -17.08 -11.19
C VAL B 214 17.61 -17.95 -12.36
N TRP B 215 16.51 -17.59 -13.01
CA TRP B 215 16.05 -18.30 -14.20
C TRP B 215 16.10 -17.37 -15.40
N TYR B 216 16.78 -17.82 -16.45
CA TYR B 216 16.91 -17.07 -17.69
C TYR B 216 15.88 -17.53 -18.70
N PHE B 217 15.26 -16.56 -19.38
CA PHE B 217 14.15 -16.84 -20.27
C PHE B 217 14.61 -17.05 -21.70
N ASP B 218 13.82 -17.81 -22.45
CA ASP B 218 13.86 -17.77 -23.90
C ASP B 218 12.91 -16.67 -24.37
N ALA B 219 13.36 -15.88 -25.34
CA ALA B 219 12.55 -14.76 -25.82
C ALA B 219 11.24 -15.26 -26.41
N ASP B 220 11.32 -16.24 -27.33
CA ASP B 220 10.12 -16.71 -28.02
C ASP B 220 9.18 -17.45 -27.08
N GLU B 221 9.70 -18.40 -26.30
CA GLU B 221 8.86 -19.13 -25.37
C GLU B 221 8.22 -18.19 -24.35
N ARG B 222 9.02 -17.27 -23.80
CA ARG B 222 8.53 -16.30 -22.81
C ARG B 222 7.43 -15.42 -23.40
N ALA B 223 7.64 -14.92 -24.63
CA ALA B 223 6.61 -14.15 -25.30
C ALA B 223 5.33 -14.95 -25.45
N ARG B 224 5.45 -16.21 -25.90
CA ARG B 224 4.27 -17.06 -26.02
C ARG B 224 3.54 -17.21 -24.70
N ALA B 225 4.30 -17.39 -23.61
CA ALA B 225 3.70 -17.67 -22.32
C ALA B 225 2.95 -16.44 -21.80
N LYS B 226 3.51 -15.24 -22.00
CA LYS B 226 2.87 -14.04 -21.50
C LYS B 226 1.40 -13.97 -21.92
N VAL B 227 1.14 -14.21 -23.20
CA VAL B 227 -0.24 -14.28 -23.67
C VAL B 227 -0.93 -15.49 -23.05
N LYS B 228 -0.26 -16.65 -23.07
CA LYS B 228 -0.87 -17.87 -22.58
C LYS B 228 -1.62 -17.66 -21.27
N TYR B 229 -0.93 -17.17 -20.24
CA TYR B 229 -1.47 -17.27 -18.87
C TYR B 229 -2.43 -16.13 -18.54
N LEU B 230 -1.97 -14.90 -18.50
CA LEU B 230 -2.87 -13.76 -18.27
C LEU B 230 -3.85 -14.03 -17.12
N LEU C 14 -20.30 39.08 -15.98
CA LEU C 14 -21.27 38.04 -15.65
C LEU C 14 -21.69 38.14 -14.19
N PRO C 15 -22.96 37.85 -13.91
CA PRO C 15 -23.40 37.78 -12.51
C PRO C 15 -22.69 36.68 -11.74
N ALA C 16 -22.64 36.85 -10.42
CA ALA C 16 -22.00 35.86 -9.57
C ALA C 16 -22.64 34.49 -9.73
N LEU C 17 -23.96 34.43 -9.75
CA LEU C 17 -24.66 33.15 -9.80
C LEU C 17 -24.43 32.46 -11.15
N LYS C 18 -24.61 33.20 -12.24
CA LYS C 18 -24.33 32.64 -13.56
C LYS C 18 -22.89 32.17 -13.64
N LEU C 19 -21.96 32.97 -13.08
CA LEU C 19 -20.56 32.59 -13.05
C LEU C 19 -20.37 31.25 -12.33
N ALA C 20 -20.87 31.16 -11.10
CA ALA C 20 -20.71 29.95 -10.30
C ALA C 20 -21.27 28.73 -11.02
N LEU C 21 -22.56 28.78 -11.37
CA LEU C 21 -23.23 27.56 -11.84
C LEU C 21 -22.86 27.22 -13.27
N GLU C 22 -22.89 28.20 -14.17
CA GLU C 22 -22.71 27.89 -15.59
C GLU C 22 -21.25 27.83 -16.01
N TYR C 23 -20.33 28.35 -15.20
CA TYR C 23 -18.91 28.22 -15.52
C TYR C 23 -18.13 27.44 -14.47
N ILE C 24 -18.15 27.87 -13.20
CA ILE C 24 -17.21 27.31 -12.22
C ILE C 24 -17.54 25.84 -11.95
N VAL C 25 -18.79 25.54 -11.65
CA VAL C 25 -19.17 24.18 -11.29
C VAL C 25 -18.77 23.21 -12.40
N PRO C 26 -19.32 23.36 -13.62
CA PRO C 26 -18.94 22.43 -14.70
C PRO C 26 -17.46 22.41 -14.99
N CYS C 27 -16.80 23.57 -14.91
CA CYS C 27 -15.37 23.65 -15.22
C CYS C 27 -14.56 22.83 -14.21
N MET C 28 -14.85 23.01 -12.92
CA MET C 28 -14.17 22.25 -11.88
C MET C 28 -14.42 20.76 -12.05
N ASN C 29 -15.67 20.37 -12.24
CA ASN C 29 -15.99 18.95 -12.32
C ASN C 29 -15.41 18.30 -13.56
N LYS C 30 -15.24 19.06 -14.65
CA LYS C 30 -14.67 18.47 -15.86
C LYS C 30 -13.13 18.46 -15.80
N HIS C 31 -12.51 19.53 -15.30
CA HIS C 31 -11.05 19.63 -15.33
C HIS C 31 -10.38 19.74 -13.98
N GLY C 32 -11.09 20.19 -12.94
CA GLY C 32 -10.44 20.46 -11.68
C GLY C 32 -9.66 21.75 -11.62
N ILE C 33 -9.73 22.56 -12.67
CA ILE C 33 -9.04 23.85 -12.74
C ILE C 33 -9.99 24.82 -13.43
N CYS C 34 -10.18 25.99 -12.81
CA CYS C 34 -11.10 26.99 -13.34
C CYS C 34 -10.45 28.35 -13.20
N VAL C 35 -10.42 29.12 -14.29
CA VAL C 35 -9.83 30.46 -14.30
C VAL C 35 -10.91 31.47 -14.60
N VAL C 36 -10.87 32.60 -13.90
CA VAL C 36 -11.87 33.67 -14.01
C VAL C 36 -11.11 34.98 -14.11
N ASP C 37 -11.32 35.70 -15.20
CA ASP C 37 -10.54 36.90 -15.45
C ASP C 37 -11.32 38.17 -15.14
N ASP C 38 -10.59 39.22 -14.78
CA ASP C 38 -11.18 40.52 -14.48
C ASP C 38 -12.26 40.36 -13.41
N PHE C 39 -11.88 39.73 -12.30
CA PHE C 39 -12.87 39.25 -11.33
C PHE C 39 -13.55 40.39 -10.60
N LEU C 40 -12.79 41.40 -10.17
CA LEU C 40 -13.34 42.51 -9.41
C LEU C 40 -13.23 43.86 -10.10
N GLY C 41 -12.38 43.99 -11.11
CA GLY C 41 -12.23 45.23 -11.83
C GLY C 41 -10.92 45.95 -11.50
N LYS C 42 -10.51 46.82 -12.42
CA LYS C 42 -9.25 47.54 -12.25
C LYS C 42 -9.24 48.35 -10.96
N GLU C 43 -10.36 49.03 -10.66
CA GLU C 43 -10.41 49.90 -9.48
C GLU C 43 -10.20 49.11 -8.20
N THR C 44 -11.04 48.10 -7.98
CA THR C 44 -10.94 47.30 -6.76
C THR C 44 -9.62 46.55 -6.71
N GLY C 45 -9.16 46.06 -7.86
CA GLY C 45 -7.89 45.35 -7.90
C GLY C 45 -6.72 46.23 -7.49
N GLN C 46 -6.75 47.50 -7.90
CA GLN C 46 -5.68 48.40 -7.51
C GLN C 46 -5.73 48.71 -6.01
N GLN C 47 -6.92 48.92 -5.45
CA GLN C 47 -6.95 49.16 -4.00
C GLN C 47 -6.49 47.92 -3.24
N ILE C 48 -6.83 46.73 -3.74
CA ILE C 48 -6.33 45.49 -3.14
C ILE C 48 -4.81 45.42 -3.23
N GLY C 49 -4.26 45.74 -4.40
CA GLY C 49 -2.81 45.73 -4.57
C GLY C 49 -2.13 46.73 -3.67
N ASP C 50 -2.73 47.91 -3.51
CA ASP C 50 -2.23 48.89 -2.56
C ASP C 50 -2.21 48.31 -1.15
N GLU C 51 -3.29 47.62 -0.78
CA GLU C 51 -3.39 47.07 0.57
C GLU C 51 -2.36 45.99 0.82
N VAL C 52 -2.05 45.19 -0.21
CA VAL C 52 -0.97 44.20 -0.09
C VAL C 52 0.38 44.92 -0.01
N ARG C 53 0.57 45.96 -0.82
CA ARG C 53 1.81 46.73 -0.84
C ARG C 53 2.10 47.32 0.53
N ALA C 54 1.07 47.83 1.21
CA ALA C 54 1.28 48.48 2.50
C ALA C 54 1.74 47.47 3.55
N LEU C 55 1.09 46.30 3.61
CA LEU C 55 1.57 45.24 4.47
C LEU C 55 3.00 44.85 4.14
N HIS C 56 3.41 44.99 2.88
CA HIS C 56 4.78 44.72 2.51
C HIS C 56 5.74 45.68 3.21
N ASP C 57 5.48 46.98 3.10
CA ASP C 57 6.34 48.01 3.66
C ASP C 57 6.06 48.25 5.14
N ARG C 78 5.35 32.26 -0.90
CA ARG C 78 6.62 32.14 -0.20
C ARG C 78 7.44 33.42 -0.36
N GLY C 79 7.80 34.05 0.75
CA GLY C 79 8.71 35.18 0.69
C GLY C 79 8.50 36.36 1.62
N ASP C 80 8.79 37.55 1.09
CA ASP C 80 9.06 38.72 1.93
C ASP C 80 7.81 39.21 2.66
N LYS C 81 6.64 39.11 2.04
CA LYS C 81 5.46 39.76 2.57
C LYS C 81 4.30 38.80 2.84
N ILE C 82 4.59 37.57 3.26
CA ILE C 82 3.50 36.60 3.44
C ILE C 82 2.93 36.74 4.85
N THR C 83 1.60 36.67 4.94
CA THR C 83 0.91 36.86 6.21
C THR C 83 -0.53 36.38 6.06
N TRP C 84 -1.25 36.27 7.18
CA TRP C 84 -2.64 35.86 7.17
C TRP C 84 -3.56 37.05 7.40
N ILE C 85 -4.68 37.08 6.66
CA ILE C 85 -5.64 38.16 6.71
C ILE C 85 -7.03 37.57 6.91
N GLU C 86 -7.66 37.90 8.05
CA GLU C 86 -9.06 37.52 8.29
C GLU C 86 -10.00 38.36 7.44
N GLY C 87 -9.58 39.56 7.05
CA GLY C 87 -10.41 40.45 6.25
C GLY C 87 -11.06 41.56 7.02
N LYS C 88 -11.07 41.49 8.34
CA LYS C 88 -11.61 42.54 9.19
C LYS C 88 -10.54 43.49 9.70
N GLU C 89 -9.27 43.12 9.58
CA GLU C 89 -8.20 43.96 10.10
C GLU C 89 -8.29 45.36 9.50
N PRO C 90 -7.96 46.40 10.25
CA PRO C 90 -7.92 47.75 9.66
C PRO C 90 -6.79 47.87 8.63
N GLY C 91 -7.11 48.52 7.52
CA GLY C 91 -6.19 48.65 6.41
C GLY C 91 -6.27 47.53 5.39
N CYS C 92 -7.04 46.48 5.67
CA CYS C 92 -7.16 45.35 4.76
C CYS C 92 -8.63 45.05 4.44
N GLU C 93 -9.46 46.09 4.37
CA GLU C 93 -10.89 45.87 4.17
C GLU C 93 -11.21 45.50 2.73
N THR C 94 -10.38 45.92 1.78
CA THR C 94 -10.60 45.51 0.39
C THR C 94 -10.19 44.06 0.18
N ILE C 95 -9.13 43.60 0.84
CA ILE C 95 -8.84 42.17 0.84
C ILE C 95 -10.01 41.40 1.41
N GLY C 96 -10.67 41.96 2.44
CA GLY C 96 -11.86 41.34 2.97
C GLY C 96 -13.01 41.37 2.00
N LEU C 97 -13.12 42.42 1.19
CA LEU C 97 -14.10 42.45 0.12
C LEU C 97 -13.87 41.32 -0.87
N LEU C 98 -12.60 41.08 -1.20
CA LEU C 98 -12.23 39.99 -2.10
C LEU C 98 -12.60 38.63 -1.51
N MET C 99 -12.22 38.40 -0.25
CA MET C 99 -12.53 37.14 0.40
C MET C 99 -14.04 36.94 0.47
N SER C 100 -14.79 38.03 0.72
CA SER C 100 -16.25 37.94 0.77
C SER C 100 -16.83 37.59 -0.59
N SER C 101 -16.28 38.15 -1.67
CA SER C 101 -16.75 37.79 -3.00
C SER C 101 -16.46 36.32 -3.31
N MET C 102 -15.26 35.85 -2.96
CA MET C 102 -14.96 34.43 -3.07
C MET C 102 -16.02 33.59 -2.35
N ASP C 103 -16.30 33.97 -1.09
CA ASP C 103 -17.30 33.27 -0.29
C ASP C 103 -18.65 33.25 -1.00
N ASP C 104 -19.05 34.38 -1.59
CA ASP C 104 -20.30 34.43 -2.33
C ASP C 104 -20.31 33.39 -3.45
N LEU C 105 -19.23 33.33 -4.21
CA LEU C 105 -19.13 32.33 -5.26
C LEU C 105 -19.35 30.93 -4.71
N ILE C 106 -18.63 30.60 -3.62
CA ILE C 106 -18.70 29.24 -3.09
C ILE C 106 -20.07 28.95 -2.49
N ARG C 107 -20.76 29.97 -1.99
CA ARG C 107 -22.15 29.78 -1.55
C ARG C 107 -23.03 29.42 -2.74
N HIS C 108 -22.85 30.11 -3.86
CA HIS C 108 -23.64 29.81 -5.05
C HIS C 108 -23.33 28.42 -5.58
N CYS C 109 -22.12 27.90 -5.33
CA CYS C 109 -21.77 26.58 -5.83
C CYS C 109 -22.13 25.42 -4.89
N ASN C 110 -22.57 25.70 -3.66
CA ASN C 110 -22.46 24.69 -2.61
C ASN C 110 -23.30 23.45 -2.92
N GLY C 111 -22.73 22.29 -2.59
CA GLY C 111 -23.33 21.02 -2.89
C GLY C 111 -23.06 20.51 -4.29
N LYS C 112 -22.54 21.36 -5.18
CA LYS C 112 -22.31 20.98 -6.57
C LYS C 112 -20.84 20.77 -6.90
N LEU C 113 -19.91 21.26 -6.08
CA LEU C 113 -18.48 21.06 -6.34
C LEU C 113 -18.10 19.66 -5.86
N GLY C 114 -18.02 18.71 -6.80
CA GLY C 114 -17.70 17.34 -6.49
C GLY C 114 -18.68 16.74 -5.49
N SER C 115 -18.28 15.62 -4.89
CA SER C 115 -19.00 15.08 -3.74
C SER C 115 -18.74 15.88 -2.48
N TYR C 116 -17.88 16.90 -2.56
CA TYR C 116 -17.53 17.74 -1.43
C TYR C 116 -18.71 18.59 -0.96
N LYS C 117 -18.73 18.87 0.34
CA LYS C 117 -19.57 19.90 0.94
C LYS C 117 -18.66 20.85 1.69
N ILE C 118 -18.58 22.10 1.23
CA ILE C 118 -17.68 23.09 1.81
C ILE C 118 -18.40 23.79 2.96
N ASN C 119 -17.73 23.89 4.10
CA ASN C 119 -18.35 24.59 5.24
C ASN C 119 -17.52 25.71 5.82
N GLY C 120 -16.22 25.77 5.53
CA GLY C 120 -15.38 26.79 6.10
C GLY C 120 -14.16 26.94 5.23
N ARG C 121 -13.37 27.97 5.55
CA ARG C 121 -12.16 28.23 4.82
C ARG C 121 -11.10 28.72 5.79
N THR C 122 -9.85 28.70 5.33
CA THR C 122 -8.78 29.34 6.05
C THR C 122 -8.92 30.86 5.94
N LYS C 123 -8.05 31.57 6.64
CA LYS C 123 -7.88 32.98 6.37
C LYS C 123 -7.15 33.15 5.04
N ALA C 124 -7.05 34.39 4.58
CA ALA C 124 -6.34 34.69 3.33
C ALA C 124 -4.83 34.70 3.56
N MET C 125 -4.11 33.95 2.74
CA MET C 125 -2.65 34.00 2.73
C MET C 125 -2.21 35.01 1.68
N VAL C 126 -1.59 36.09 2.11
CA VAL C 126 -0.96 37.03 1.18
C VAL C 126 0.47 36.59 1.00
N ALA C 127 0.89 36.42 -0.27
CA ALA C 127 2.18 35.85 -0.61
C ALA C 127 2.90 36.75 -1.61
N CYS C 128 4.23 36.82 -1.44
CA CYS C 128 5.10 37.67 -2.24
C CYS C 128 6.33 36.89 -2.66
N TYR C 129 6.56 36.78 -3.97
CA TYR C 129 7.81 36.25 -4.50
C TYR C 129 8.68 37.42 -4.92
N PRO C 130 9.92 37.53 -4.40
CA PRO C 130 10.66 38.79 -4.56
C PRO C 130 10.98 39.21 -5.98
N GLY C 131 11.16 38.28 -6.91
CA GLY C 131 11.64 38.62 -8.23
C GLY C 131 13.12 38.44 -8.43
N ASN C 132 13.77 37.68 -7.55
CA ASN C 132 15.17 37.31 -7.67
C ASN C 132 15.35 35.91 -8.22
N GLY C 133 14.33 35.38 -8.90
CA GLY C 133 14.33 34.00 -9.30
C GLY C 133 13.61 33.06 -8.34
N THR C 134 12.82 33.60 -7.42
CA THR C 134 12.07 32.75 -6.51
C THR C 134 10.91 32.07 -7.25
N GLY C 135 10.65 30.83 -6.85
CA GLY C 135 9.54 30.06 -7.38
C GLY C 135 9.02 29.16 -6.28
N TYR C 136 8.30 28.11 -6.62
CA TYR C 136 7.91 27.11 -5.64
C TYR C 136 7.99 25.74 -6.28
N VAL C 137 8.76 24.84 -5.65
CA VAL C 137 8.98 23.53 -6.23
C VAL C 137 7.66 22.80 -6.36
N ARG C 138 7.63 21.81 -7.25
CA ARG C 138 6.42 21.04 -7.50
C ARG C 138 5.89 20.45 -6.21
N HIS C 139 4.63 20.76 -5.90
CA HIS C 139 4.04 20.31 -4.65
C HIS C 139 2.55 20.08 -4.80
N VAL C 140 1.97 19.44 -3.79
CA VAL C 140 0.52 19.27 -3.65
C VAL C 140 0.08 20.06 -2.43
N ASP C 141 -0.93 20.90 -2.59
CA ASP C 141 -1.40 21.71 -1.46
C ASP C 141 -1.78 20.82 -0.29
N ASN C 142 -2.67 19.84 -0.52
CA ASN C 142 -3.21 19.01 0.55
C ASN C 142 -3.03 17.54 0.23
N PRO C 143 -1.85 16.98 0.50
CA PRO C 143 -1.60 15.57 0.19
C PRO C 143 -1.94 14.60 1.31
N ASN C 144 -2.19 15.08 2.52
CA ASN C 144 -2.40 14.24 3.68
C ASN C 144 -3.83 14.30 4.21
N GLY C 145 -4.77 14.80 3.41
CA GLY C 145 -6.16 14.89 3.81
C GLY C 145 -6.42 15.69 5.07
N ASP C 146 -6.02 16.97 5.08
CA ASP C 146 -6.21 17.82 6.25
C ASP C 146 -7.51 18.61 6.21
N GLY C 147 -8.34 18.40 5.21
CA GLY C 147 -9.63 19.06 5.07
C GLY C 147 -9.78 19.92 3.84
N ARG C 148 -8.69 20.37 3.24
CA ARG C 148 -8.75 21.36 2.17
C ARG C 148 -9.06 20.67 0.85
N CYS C 149 -10.16 21.09 0.20
CA CYS C 149 -10.55 20.52 -1.08
C CYS C 149 -10.44 21.48 -2.25
N VAL C 150 -10.44 22.79 -2.02
CA VAL C 150 -10.33 23.77 -3.10
C VAL C 150 -9.29 24.82 -2.75
N THR C 151 -8.48 25.19 -3.75
CA THR C 151 -7.48 26.23 -3.66
C THR C 151 -7.95 27.40 -4.51
N CYS C 152 -8.06 28.57 -3.91
CA CYS C 152 -8.57 29.78 -4.56
C CYS C 152 -7.49 30.86 -4.47
N ILE C 153 -6.93 31.24 -5.62
CA ILE C 153 -5.85 32.22 -5.65
C ILE C 153 -6.27 33.44 -6.46
N TYR C 154 -5.95 34.62 -5.93
CA TYR C 154 -6.17 35.90 -6.60
C TYR C 154 -4.84 36.54 -6.93
N TYR C 155 -4.68 36.98 -8.17
CA TYR C 155 -3.47 37.62 -8.64
C TYR C 155 -3.72 39.10 -8.82
N LEU C 156 -2.70 39.91 -8.51
CA LEU C 156 -2.86 41.37 -8.51
C LEU C 156 -1.65 42.08 -9.10
N ASN C 157 -0.93 41.40 -10.00
CA ASN C 157 0.25 41.96 -10.66
C ASN C 157 -0.16 42.59 -11.98
N LYS C 158 -0.03 43.91 -12.09
CA LYS C 158 -0.47 44.61 -13.29
C LYS C 158 0.48 44.36 -14.45
N ASP C 159 -0.07 44.25 -15.65
CA ASP C 159 0.71 44.19 -16.89
C ASP C 159 1.80 43.13 -16.81
N TRP C 160 1.43 41.93 -16.39
CA TRP C 160 2.40 40.86 -16.18
C TRP C 160 2.64 40.14 -17.50
N ASP C 161 3.89 40.13 -17.94
CA ASP C 161 4.31 39.36 -19.10
C ASP C 161 5.21 38.22 -18.59
N ALA C 162 4.75 36.98 -18.80
CA ALA C 162 5.53 35.84 -18.33
C ALA C 162 6.86 35.75 -19.06
N LYS C 163 6.93 36.26 -20.29
CA LYS C 163 8.18 36.21 -21.05
C LYS C 163 9.29 36.96 -20.31
N VAL C 164 8.96 38.08 -19.69
CA VAL C 164 9.96 38.90 -19.01
C VAL C 164 10.08 38.51 -17.54
N SER C 165 8.95 38.36 -16.85
CA SER C 165 8.96 38.15 -15.41
C SER C 165 8.83 36.69 -15.02
N GLY C 166 8.37 35.83 -15.91
CA GLY C 166 8.20 34.43 -15.55
C GLY C 166 7.11 34.28 -14.51
N GLY C 167 7.41 33.52 -13.46
CA GLY C 167 6.45 33.36 -12.37
C GLY C 167 5.17 32.69 -12.79
N ILE C 168 5.23 31.80 -13.78
CA ILE C 168 4.05 31.07 -14.23
C ILE C 168 3.68 30.02 -13.21
N LEU C 169 2.39 29.81 -13.00
CA LEU C 169 1.93 28.66 -12.21
C LEU C 169 1.65 27.53 -13.19
N ARG C 170 2.43 26.46 -13.10
CA ARG C 170 2.24 25.30 -13.96
C ARG C 170 1.59 24.19 -13.13
N ILE C 171 0.45 23.70 -13.60
CA ILE C 171 -0.27 22.62 -12.95
C ILE C 171 -0.13 21.37 -13.80
N PHE C 172 -0.10 20.21 -13.14
CA PHE C 172 0.02 18.91 -13.79
C PHE C 172 -1.23 18.10 -13.46
N PRO C 173 -2.35 18.44 -14.08
CA PRO C 173 -3.62 17.81 -13.71
C PRO C 173 -3.54 16.29 -13.73
N GLU C 174 -4.20 15.66 -12.76
CA GLU C 174 -4.31 14.21 -12.76
C GLU C 174 -4.94 13.74 -14.06
N GLY C 175 -4.27 12.83 -14.74
CA GLY C 175 -4.75 12.28 -15.99
C GLY C 175 -4.32 13.07 -17.21
N LYS C 176 -4.90 14.25 -17.42
CA LYS C 176 -4.53 15.12 -18.52
C LYS C 176 -3.01 15.21 -18.64
N ALA C 177 -2.47 14.76 -19.77
CA ALA C 177 -1.03 14.67 -19.91
C ALA C 177 -0.40 16.05 -20.01
N GLN C 178 -0.90 16.90 -20.90
CA GLN C 178 -0.36 18.25 -21.02
C GLN C 178 -0.66 19.02 -19.75
N PHE C 179 0.36 19.68 -19.21
CA PHE C 179 0.16 20.56 -18.08
C PHE C 179 -0.55 21.84 -18.53
N ALA C 180 -0.98 22.64 -17.57
CA ALA C 180 -1.61 23.92 -17.86
C ALA C 180 -0.78 25.01 -17.22
N ASP C 181 -0.22 25.90 -18.05
CA ASP C 181 0.47 27.09 -17.59
C ASP C 181 -0.55 28.20 -17.37
N ILE C 182 -0.40 28.92 -16.27
CA ILE C 182 -1.35 29.95 -15.87
C ILE C 182 -0.57 31.20 -15.52
N GLU C 183 -0.93 32.31 -16.15
CA GLU C 183 -0.20 33.55 -15.95
C GLU C 183 -0.81 34.32 -14.77
N PRO C 184 0.01 34.86 -13.91
CA PRO C 184 -0.50 35.56 -12.71
C PRO C 184 -1.07 36.94 -13.02
N LYS C 185 -1.86 37.01 -14.09
CA LYS C 185 -2.33 38.31 -14.58
C LYS C 185 -3.14 39.01 -13.50
N PHE C 186 -3.05 40.34 -13.51
CA PHE C 186 -3.78 41.19 -12.57
C PHE C 186 -5.29 40.92 -12.65
N ASP C 187 -5.92 40.86 -11.47
CA ASP C 187 -7.36 40.68 -11.35
C ASP C 187 -7.80 39.31 -11.85
N ARG C 188 -6.99 38.28 -11.65
CA ARG C 188 -7.30 36.93 -12.08
C ARG C 188 -7.57 36.06 -10.86
N LEU C 189 -8.66 35.29 -10.92
CA LEU C 189 -9.05 34.35 -9.88
C LEU C 189 -8.87 32.94 -10.41
N LEU C 190 -8.42 32.05 -9.56
CA LEU C 190 -8.11 30.68 -9.95
C LEU C 190 -8.64 29.71 -8.90
N PHE C 191 -9.19 28.61 -9.39
CA PHE C 191 -9.71 27.52 -8.56
C PHE C 191 -9.04 26.24 -9.02
N PHE C 192 -8.59 25.43 -8.07
CA PHE C 192 -8.23 24.05 -8.43
C PHE C 192 -8.37 23.16 -7.21
N TRP C 193 -8.58 21.87 -7.44
CA TRP C 193 -8.64 20.95 -6.32
C TRP C 193 -7.29 20.95 -5.61
N SER C 194 -7.33 20.92 -4.29
CA SER C 194 -6.09 21.02 -3.51
C SER C 194 -5.39 19.69 -3.34
N ASP C 195 -6.10 18.58 -3.51
CA ASP C 195 -5.57 17.26 -3.17
C ASP C 195 -4.60 16.80 -4.25
N ARG C 196 -4.19 15.53 -4.18
CA ARG C 196 -3.11 15.03 -5.03
C ARG C 196 -3.42 15.16 -6.52
N ARG C 197 -4.64 15.52 -6.89
CA ARG C 197 -5.01 15.59 -8.31
C ARG C 197 -4.15 16.61 -9.05
N ASN C 198 -3.98 17.80 -8.48
CA ASN C 198 -3.26 18.87 -9.16
C ASN C 198 -1.94 19.16 -8.44
N PRO C 199 -0.85 18.48 -8.76
CA PRO C 199 0.46 18.99 -8.39
C PRO C 199 0.73 20.26 -9.17
N HIS C 200 1.51 21.16 -8.58
CA HIS C 200 1.78 22.40 -9.28
C HIS C 200 3.09 22.99 -8.77
N GLU C 201 3.73 23.73 -9.64
CA GLU C 201 5.00 24.38 -9.36
C GLU C 201 4.89 25.82 -9.86
N VAL C 202 5.44 26.75 -9.10
CA VAL C 202 5.50 28.14 -9.54
C VAL C 202 6.87 28.38 -10.14
N GLN C 203 6.93 28.53 -11.47
CA GLN C 203 8.19 28.77 -12.14
C GLN C 203 8.82 30.06 -11.61
N PRO C 204 10.15 30.13 -11.60
CA PRO C 204 10.80 31.28 -10.96
C PRO C 204 10.35 32.60 -11.55
N ALA C 205 10.29 33.62 -10.69
CA ALA C 205 9.82 34.94 -11.06
C ALA C 205 10.95 35.95 -10.96
N TYR C 206 10.93 36.94 -11.87
CA TYR C 206 11.93 37.99 -11.95
C TYR C 206 11.31 39.36 -11.79
N ALA C 207 10.10 39.39 -11.25
CA ALA C 207 9.38 40.61 -10.90
C ALA C 207 8.64 40.27 -9.61
N THR C 208 8.31 41.28 -8.83
CA THR C 208 7.64 41.01 -7.57
C THR C 208 6.26 40.45 -7.86
N ARG C 209 5.96 39.29 -7.28
CA ARG C 209 4.81 38.48 -7.65
C ARG C 209 3.91 38.34 -6.43
N TYR C 210 2.75 38.97 -6.47
CA TYR C 210 1.83 38.98 -5.34
C TYR C 210 0.61 38.13 -5.63
N ALA C 211 0.10 37.46 -4.60
CA ALA C 211 -1.21 36.85 -4.72
C ALA C 211 -1.80 36.57 -3.36
N ILE C 212 -3.10 36.35 -3.36
CA ILE C 212 -3.87 36.00 -2.16
C ILE C 212 -4.45 34.62 -2.40
N THR C 213 -4.30 33.75 -1.42
CA THR C 213 -4.77 32.38 -1.50
C THR C 213 -5.75 32.11 -0.37
N VAL C 214 -6.79 31.37 -0.68
CA VAL C 214 -7.75 30.89 0.31
C VAL C 214 -7.97 29.41 0.04
N TRP C 215 -8.05 28.61 1.10
CA TRP C 215 -8.35 27.19 0.97
C TRP C 215 -9.68 26.90 1.63
N TYR C 216 -10.57 26.25 0.90
CA TYR C 216 -11.88 25.88 1.38
C TYR C 216 -11.87 24.44 1.88
N PHE C 217 -12.59 24.21 2.98
CA PHE C 217 -12.60 22.90 3.64
C PHE C 217 -13.85 22.10 3.30
N ASP C 218 -13.65 20.83 2.94
CA ASP C 218 -14.69 19.83 3.03
C ASP C 218 -15.03 19.57 4.49
N ALA C 219 -16.32 19.40 4.77
CA ALA C 219 -16.76 19.28 6.16
C ALA C 219 -16.27 17.97 6.78
N ASP C 220 -16.52 16.85 6.10
CA ASP C 220 -16.18 15.55 6.67
C ASP C 220 -14.68 15.36 6.81
N GLU C 221 -13.91 15.61 5.75
CA GLU C 221 -12.47 15.44 5.83
C GLU C 221 -11.88 16.33 6.92
N ARG C 222 -12.35 17.58 7.00
CA ARG C 222 -11.82 18.51 8.00
C ARG C 222 -12.12 18.02 9.42
N ALA C 223 -13.32 17.50 9.66
CA ALA C 223 -13.63 17.01 10.98
C ALA C 223 -12.75 15.82 11.35
N ARG C 224 -12.44 14.96 10.38
CA ARG C 224 -11.48 13.88 10.65
C ARG C 224 -10.10 14.44 10.98
N ALA C 225 -9.70 15.49 10.27
CA ALA C 225 -8.38 16.08 10.49
C ALA C 225 -8.25 16.62 11.90
N LYS C 226 -9.22 17.44 12.34
CA LYS C 226 -9.14 18.05 13.66
C LYS C 226 -8.84 17.01 14.73
N VAL C 227 -9.50 15.85 14.64
CA VAL C 227 -9.32 14.78 15.61
C VAL C 227 -7.93 14.17 15.48
N LYS C 228 -7.50 13.93 14.24
CA LYS C 228 -6.16 13.41 14.03
C LYS C 228 -5.10 14.18 14.82
N TYR C 229 -5.32 15.47 15.03
CA TYR C 229 -4.26 16.36 15.50
C TYR C 229 -4.63 17.09 16.78
N LEU D 14 42.28 19.29 11.76
CA LEU D 14 42.03 19.57 10.35
C LEU D 14 41.22 20.85 10.19
N PRO D 15 41.43 21.57 9.08
CA PRO D 15 40.64 22.78 8.83
C PRO D 15 39.24 22.42 8.34
N ALA D 16 38.38 23.44 8.35
CA ALA D 16 36.96 23.20 8.09
C ALA D 16 36.73 22.62 6.70
N LEU D 17 37.22 23.29 5.67
CA LEU D 17 36.92 22.84 4.31
C LEU D 17 37.61 21.50 4.04
N LYS D 18 38.83 21.30 4.53
CA LYS D 18 39.48 20.00 4.39
C LYS D 18 38.70 18.91 5.11
N LEU D 19 38.25 19.20 6.33
CA LEU D 19 37.42 18.26 7.08
C LEU D 19 36.16 17.90 6.31
N ALA D 20 35.37 18.92 5.96
CA ALA D 20 34.10 18.70 5.28
C ALA D 20 34.29 17.91 3.99
N LEU D 21 35.30 18.28 3.20
CA LEU D 21 35.41 17.67 1.87
C LEU D 21 36.08 16.29 1.92
N GLU D 22 37.04 16.10 2.81
CA GLU D 22 37.80 14.85 2.82
C GLU D 22 37.24 13.80 3.76
N TYR D 23 36.42 14.18 4.75
CA TYR D 23 35.77 13.21 5.60
C TYR D 23 34.25 13.27 5.57
N ILE D 24 33.63 14.41 5.89
CA ILE D 24 32.19 14.41 6.15
C ILE D 24 31.42 14.03 4.88
N VAL D 25 31.79 14.64 3.75
CA VAL D 25 31.05 14.41 2.50
C VAL D 25 31.19 12.95 2.09
N PRO D 26 32.41 12.44 1.88
CA PRO D 26 32.54 11.01 1.54
C PRO D 26 32.00 10.10 2.62
N CYS D 27 32.20 10.47 3.88
CA CYS D 27 31.81 9.61 5.00
C CYS D 27 30.30 9.48 5.10
N MET D 28 29.57 10.53 4.71
CA MET D 28 28.11 10.48 4.74
C MET D 28 27.57 9.75 3.51
N ASN D 29 28.20 9.93 2.36
CA ASN D 29 27.68 9.25 1.17
C ASN D 29 27.95 7.76 1.22
N LYS D 30 29.09 7.35 1.81
CA LYS D 30 29.36 5.93 1.95
C LYS D 30 28.48 5.30 3.03
N HIS D 31 28.33 5.97 4.19
CA HIS D 31 27.75 5.31 5.35
C HIS D 31 26.50 5.95 5.96
N GLY D 32 26.27 7.24 5.77
CA GLY D 32 25.15 7.90 6.43
C GLY D 32 25.38 8.27 7.87
N ILE D 33 26.54 7.90 8.43
CA ILE D 33 26.92 8.25 9.80
C ILE D 33 28.34 8.78 9.75
N CYS D 34 28.59 9.90 10.44
CA CYS D 34 29.92 10.49 10.48
C CYS D 34 30.20 11.03 11.87
N VAL D 35 31.41 10.77 12.36
CA VAL D 35 31.80 11.19 13.71
C VAL D 35 33.11 11.97 13.62
N VAL D 36 33.14 13.13 14.29
CA VAL D 36 34.30 14.01 14.35
C VAL D 36 34.65 14.19 15.82
N ASP D 37 35.88 13.88 16.18
CA ASP D 37 36.34 14.05 17.55
C ASP D 37 37.14 15.34 17.68
N ASP D 38 37.21 15.84 18.92
CA ASP D 38 38.02 17.01 19.24
C ASP D 38 37.75 18.15 18.25
N PHE D 39 36.46 18.50 18.20
CA PHE D 39 35.94 19.42 17.18
C PHE D 39 36.22 20.87 17.55
N LEU D 40 35.97 21.26 18.81
CA LEU D 40 36.10 22.65 19.21
C LEU D 40 37.20 22.91 20.23
N GLY D 41 37.80 21.88 20.82
CA GLY D 41 38.84 22.09 21.80
C GLY D 41 38.33 22.17 23.22
N LYS D 42 39.11 21.67 24.17
CA LYS D 42 38.64 21.50 25.54
C LYS D 42 38.15 22.80 26.15
N GLU D 43 38.92 23.89 25.98
CA GLU D 43 38.50 25.17 26.55
C GLU D 43 37.08 25.52 26.11
N THR D 44 36.86 25.53 24.79
CA THR D 44 35.56 25.90 24.24
C THR D 44 34.48 24.89 24.61
N GLY D 45 34.82 23.60 24.58
CA GLY D 45 33.83 22.59 24.92
C GLY D 45 33.35 22.69 26.35
N GLN D 46 34.29 22.90 27.28
CA GLN D 46 33.92 23.12 28.68
C GLN D 46 33.09 24.39 28.82
N GLN D 47 33.40 25.43 28.03
CA GLN D 47 32.54 26.61 28.01
C GLN D 47 31.11 26.23 27.65
N ILE D 48 30.95 25.43 26.60
CA ILE D 48 29.61 25.03 26.17
C ILE D 48 28.92 24.24 27.26
N GLY D 49 29.64 23.31 27.88
CA GLY D 49 29.07 22.54 28.97
C GLY D 49 28.60 23.41 30.12
N ASP D 50 29.38 24.44 30.45
CA ASP D 50 28.95 25.37 31.49
C ASP D 50 27.65 26.06 31.08
N GLU D 51 27.55 26.50 29.82
CA GLU D 51 26.31 27.17 29.39
C GLU D 51 25.12 26.22 29.46
N VAL D 52 25.32 24.95 29.10
CA VAL D 52 24.24 23.98 29.13
C VAL D 52 23.84 23.67 30.58
N ARG D 53 24.83 23.47 31.44
CA ARG D 53 24.57 23.31 32.86
C ARG D 53 23.76 24.48 33.40
N ALA D 54 24.10 25.70 32.97
CA ALA D 54 23.38 26.86 33.46
C ALA D 54 21.92 26.80 33.03
N LEU D 55 21.67 26.51 31.75
CA LEU D 55 20.28 26.40 31.29
C LEU D 55 19.51 25.39 32.13
N HIS D 56 20.06 24.18 32.30
CA HIS D 56 19.32 23.13 33.00
C HIS D 56 19.20 23.43 34.49
N ASP D 57 20.31 23.81 35.13
CA ASP D 57 20.36 23.90 36.59
C ASP D 57 19.55 25.08 37.12
N THR D 58 19.24 26.07 36.30
CA THR D 58 18.36 27.16 36.75
C THR D 58 16.91 26.66 36.74
N ASP D 76 9.66 20.57 25.86
CA ASP D 76 8.31 20.77 26.41
C ASP D 76 8.03 19.81 27.57
N ILE D 77 8.01 18.50 27.29
CA ILE D 77 7.76 17.49 28.33
C ILE D 77 8.51 16.20 28.04
N ARG D 78 9.50 15.85 28.90
CA ARG D 78 10.33 14.69 28.55
C ARG D 78 10.61 13.69 29.67
N ASP D 80 13.37 15.07 31.35
CA ASP D 80 14.09 16.29 31.73
C ASP D 80 14.12 17.18 30.49
N LYS D 81 13.54 18.37 30.55
CA LYS D 81 13.15 19.06 29.34
C LYS D 81 14.34 19.37 28.43
N ILE D 82 14.04 19.44 27.14
CA ILE D 82 14.98 19.91 26.13
C ILE D 82 14.47 21.27 25.65
N THR D 83 15.39 22.19 25.39
CA THR D 83 14.99 23.56 25.05
C THR D 83 15.63 24.02 23.73
N TRP D 84 15.07 25.10 23.19
CA TRP D 84 15.51 25.65 21.91
C TRP D 84 16.38 26.89 22.13
N ILE D 85 17.57 26.90 21.52
CA ILE D 85 18.52 27.99 21.63
C ILE D 85 18.77 28.55 20.24
N GLU D 86 18.71 29.88 20.11
CA GLU D 86 19.03 30.54 18.85
C GLU D 86 20.53 30.77 18.68
N GLY D 87 21.29 30.77 19.78
CA GLY D 87 22.71 30.97 19.75
C GLY D 87 23.16 32.38 20.10
N LYS D 88 22.23 33.33 20.12
CA LYS D 88 22.54 34.71 20.48
C LYS D 88 21.82 35.13 21.76
N GLU D 89 21.28 34.18 22.52
CA GLU D 89 20.70 34.49 23.81
C GLU D 89 21.80 34.87 24.80
N PRO D 90 21.49 35.73 25.77
CA PRO D 90 22.47 36.03 26.83
C PRO D 90 22.83 34.78 27.63
N GLY D 91 24.11 34.44 27.63
CA GLY D 91 24.61 33.26 28.30
C GLY D 91 24.64 32.01 27.46
N CYS D 92 24.23 32.08 26.20
CA CYS D 92 24.22 30.95 25.29
C CYS D 92 25.11 31.20 24.08
N GLU D 93 25.98 32.19 24.16
CA GLU D 93 26.73 32.63 22.99
C GLU D 93 27.76 31.59 22.53
N THR D 94 28.23 30.74 23.45
CA THR D 94 29.13 29.66 23.07
C THR D 94 28.37 28.54 22.35
N ILE D 95 27.13 28.27 22.76
CA ILE D 95 26.30 27.34 22.01
C ILE D 95 26.10 27.85 20.59
N GLY D 96 25.98 29.18 20.44
CA GLY D 96 25.85 29.74 19.10
C GLY D 96 27.14 29.65 18.30
N LEU D 97 28.28 29.82 18.97
CA LEU D 97 29.57 29.56 18.32
C LEU D 97 29.61 28.14 17.77
N LEU D 98 29.11 27.18 18.55
CA LEU D 98 29.01 25.80 18.08
C LEU D 98 28.14 25.69 16.84
N MET D 99 26.93 26.25 16.90
CA MET D 99 26.03 26.20 15.75
C MET D 99 26.69 26.79 14.51
N SER D 100 27.44 27.88 14.69
CA SER D 100 28.13 28.53 13.59
C SER D 100 29.23 27.64 13.01
N SER D 101 29.90 26.87 13.85
CA SER D 101 30.89 25.92 13.34
C SER D 101 30.22 24.85 12.48
N MET D 102 29.12 24.28 13.01
CA MET D 102 28.34 23.34 12.21
C MET D 102 27.93 23.96 10.88
N ASP D 103 27.51 25.23 10.92
CA ASP D 103 27.11 25.94 9.72
C ASP D 103 28.24 26.00 8.70
N ASP D 104 29.44 26.36 9.16
CA ASP D 104 30.59 26.40 8.24
C ASP D 104 30.77 25.03 7.58
N LEU D 105 30.73 23.97 8.39
CA LEU D 105 30.91 22.62 7.83
C LEU D 105 29.86 22.35 6.74
N ILE D 106 28.59 22.51 7.08
CA ILE D 106 27.52 22.17 6.14
C ILE D 106 27.62 23.03 4.89
N ARG D 107 27.90 24.32 5.06
CA ARG D 107 28.12 25.20 3.92
C ARG D 107 29.19 24.66 2.99
N HIS D 108 30.26 24.13 3.55
CA HIS D 108 31.30 23.54 2.70
C HIS D 108 30.93 22.16 2.18
N CYS D 109 29.89 21.53 2.74
CA CYS D 109 29.38 20.29 2.18
C CYS D 109 28.30 20.48 1.13
N ASN D 110 27.70 21.67 1.06
CA ASN D 110 26.45 21.83 0.34
C ASN D 110 26.59 21.44 -1.12
N GLY D 111 25.57 20.75 -1.63
CA GLY D 111 25.59 20.23 -2.98
C GLY D 111 26.33 18.94 -3.14
N LYS D 112 26.98 18.44 -2.09
CA LYS D 112 27.72 17.19 -2.13
C LYS D 112 27.12 16.12 -1.22
N LEU D 113 26.16 16.47 -0.37
CA LEU D 113 25.56 15.52 0.56
C LEU D 113 24.36 14.88 -0.13
N GLY D 114 24.57 13.69 -0.69
CA GLY D 114 23.54 13.11 -1.51
C GLY D 114 23.08 14.08 -2.57
N SER D 115 21.79 14.01 -2.89
CA SER D 115 21.16 14.99 -3.76
C SER D 115 20.51 16.13 -2.98
N TYR D 116 20.78 16.22 -1.68
CA TYR D 116 20.21 17.26 -0.85
C TYR D 116 20.86 18.62 -1.14
N LYS D 117 20.05 19.67 -1.07
CA LYS D 117 20.55 21.05 -1.02
C LYS D 117 20.03 21.64 0.30
N ILE D 118 20.93 21.84 1.26
CA ILE D 118 20.54 22.37 2.56
C ILE D 118 20.44 23.90 2.47
N ASN D 119 19.30 24.43 2.88
CA ASN D 119 19.13 25.89 2.92
C ASN D 119 18.73 26.42 4.29
N GLY D 120 18.65 25.58 5.31
CA GLY D 120 18.38 26.09 6.65
C GLY D 120 18.47 25.00 7.69
N ARG D 121 18.32 25.42 8.94
CA ARG D 121 18.36 24.50 10.06
C ARG D 121 17.39 24.96 11.14
N THR D 122 17.10 24.03 12.05
CA THR D 122 16.35 24.36 13.25
C THR D 122 17.25 25.13 14.21
N LYS D 123 16.63 25.69 15.25
CA LYS D 123 17.39 26.16 16.39
C LYS D 123 17.97 24.93 17.11
N ALA D 124 18.85 25.18 18.07
CA ALA D 124 19.53 24.09 18.75
C ALA D 124 18.66 23.53 19.87
N MET D 125 18.45 22.22 19.86
CA MET D 125 17.78 21.53 20.96
C MET D 125 18.84 21.10 21.97
N VAL D 126 18.74 21.61 23.18
CA VAL D 126 19.61 21.23 24.29
C VAL D 126 18.87 20.17 25.08
N ALA D 127 19.40 18.94 25.09
CA ALA D 127 18.74 17.81 25.71
C ALA D 127 19.60 17.24 26.83
N CYS D 128 18.91 16.79 27.88
CA CYS D 128 19.49 16.22 29.09
C CYS D 128 18.81 14.90 29.39
N TYR D 129 19.61 13.91 29.72
CA TYR D 129 19.10 12.63 30.23
C TYR D 129 19.53 12.54 31.70
N PRO D 130 18.61 12.56 32.67
CA PRO D 130 19.03 12.33 34.05
C PRO D 130 19.58 10.93 34.22
N GLY D 131 20.69 10.82 34.96
CA GLY D 131 21.35 9.54 35.09
C GLY D 131 20.64 8.56 35.99
N ASN D 132 19.33 8.44 35.81
CA ASN D 132 18.54 7.41 36.47
C ASN D 132 18.20 6.26 35.54
N GLY D 133 19.06 6.02 34.54
CA GLY D 133 18.82 4.99 33.57
C GLY D 133 17.82 5.35 32.50
N THR D 134 17.63 6.63 32.22
CA THR D 134 16.74 7.03 31.14
C THR D 134 17.41 6.83 29.80
N GLY D 135 16.58 6.61 28.79
CA GLY D 135 17.07 6.44 27.44
C GLY D 135 16.11 7.03 26.44
N TYR D 136 16.17 6.53 25.21
CA TYR D 136 15.18 6.87 24.20
C TYR D 136 14.90 5.62 23.38
N VAL D 137 13.62 5.28 23.22
CA VAL D 137 13.26 4.12 22.43
C VAL D 137 13.69 4.33 20.98
N ARG D 138 13.89 3.23 20.28
CA ARG D 138 14.25 3.30 18.86
C ARG D 138 13.27 4.22 18.14
N HIS D 139 13.80 5.11 17.32
CA HIS D 139 12.95 6.06 16.61
C HIS D 139 13.69 6.60 15.39
N VAL D 140 12.93 7.18 14.48
CA VAL D 140 13.44 7.87 13.30
C VAL D 140 13.19 9.36 13.49
N ASP D 141 14.24 10.16 13.30
CA ASP D 141 14.10 11.60 13.52
C ASP D 141 13.01 12.18 12.61
N ASN D 142 13.03 11.80 11.33
CA ASN D 142 12.13 12.39 10.33
C ASN D 142 11.54 11.29 9.48
N PRO D 143 10.47 10.65 9.96
CA PRO D 143 9.89 9.54 9.17
C PRO D 143 8.83 10.01 8.18
N ASN D 144 8.32 11.23 8.36
CA ASN D 144 7.17 11.72 7.60
C ASN D 144 7.52 12.84 6.64
N GLY D 145 8.81 13.05 6.35
CA GLY D 145 9.23 13.99 5.32
C GLY D 145 8.96 15.45 5.58
N ASP D 146 9.31 15.93 6.78
CA ASP D 146 9.07 17.32 7.16
C ASP D 146 10.19 18.26 6.73
N GLY D 147 11.21 17.75 6.05
CA GLY D 147 12.29 18.55 5.51
C GLY D 147 13.65 18.30 6.13
N ARG D 148 13.70 17.77 7.35
CA ARG D 148 14.97 17.50 7.99
C ARG D 148 15.67 16.32 7.34
N CYS D 149 16.91 16.53 6.92
CA CYS D 149 17.70 15.53 6.21
C CYS D 149 18.97 15.11 6.93
N VAL D 150 19.58 16.00 7.71
CA VAL D 150 20.82 15.72 8.42
C VAL D 150 20.64 16.08 9.88
N THR D 151 20.99 15.17 10.77
CA THR D 151 20.98 15.43 12.20
C THR D 151 22.40 15.65 12.68
N CYS D 152 22.59 16.72 13.45
CA CYS D 152 23.89 17.14 13.96
C CYS D 152 23.79 17.19 15.48
N ILE D 153 24.53 16.30 16.15
CA ILE D 153 24.56 16.26 17.60
C ILE D 153 25.94 16.65 18.08
N TYR D 154 26.00 17.35 19.20
CA TYR D 154 27.28 17.71 19.82
C TYR D 154 27.25 17.26 21.27
N TYR D 155 28.27 16.51 21.68
CA TYR D 155 28.35 15.95 23.02
C TYR D 155 29.36 16.73 23.85
N LEU D 156 29.06 16.88 25.13
CA LEU D 156 29.85 17.74 26.01
C LEU D 156 30.08 17.07 27.37
N ASN D 157 30.07 15.73 27.40
CA ASN D 157 30.22 14.98 28.64
C ASN D 157 31.68 14.60 28.86
N LYS D 158 32.31 15.18 29.90
CA LYS D 158 33.72 14.93 30.16
C LYS D 158 33.94 13.54 30.75
N ASP D 159 34.99 12.86 30.25
CA ASP D 159 35.40 11.56 30.77
C ASP D 159 34.24 10.57 30.83
N TRP D 160 33.48 10.48 29.74
CA TRP D 160 32.31 9.61 29.71
C TRP D 160 32.75 8.21 29.28
N ASP D 161 32.46 7.21 30.13
CA ASP D 161 32.72 5.81 29.82
C ASP D 161 31.37 5.11 29.77
N ALA D 162 30.98 4.67 28.58
CA ALA D 162 29.70 3.98 28.41
C ALA D 162 29.64 2.69 29.22
N LYS D 163 30.78 2.07 29.52
CA LYS D 163 30.76 0.89 30.37
C LYS D 163 30.18 1.21 31.73
N VAL D 164 30.71 2.26 32.37
CA VAL D 164 30.21 2.68 33.68
C VAL D 164 28.87 3.37 33.55
N SER D 165 28.76 4.33 32.64
CA SER D 165 27.59 5.20 32.56
C SER D 165 26.60 4.81 31.48
N GLY D 166 26.94 3.90 30.58
CA GLY D 166 26.02 3.54 29.52
C GLY D 166 25.81 4.72 28.58
N GLY D 167 24.55 5.03 28.31
CA GLY D 167 24.22 6.19 27.51
C GLY D 167 24.70 6.15 26.08
N ILE D 168 24.98 4.96 25.55
CA ILE D 168 25.44 4.84 24.16
C ILE D 168 24.29 5.14 23.21
N LEU D 169 24.63 5.70 22.05
CA LEU D 169 23.67 5.91 20.98
C LEU D 169 23.87 4.80 19.95
N ARG D 170 22.85 3.98 19.74
CA ARG D 170 22.94 2.85 18.82
C ARG D 170 22.12 3.16 17.57
N ILE D 171 22.79 3.21 16.44
CA ILE D 171 22.18 3.47 15.13
C ILE D 171 22.14 2.15 14.37
N PHE D 172 21.08 1.94 13.60
CA PHE D 172 20.89 0.73 12.80
C PHE D 172 20.82 1.14 11.34
N PRO D 173 21.95 1.48 10.72
CA PRO D 173 21.94 1.94 9.33
C PRO D 173 21.16 0.99 8.45
N GLU D 174 20.43 1.55 7.48
CA GLU D 174 19.60 0.71 6.63
C GLU D 174 20.47 -0.33 5.94
N GLY D 175 20.00 -1.56 5.91
CA GLY D 175 20.72 -2.61 5.22
C GLY D 175 21.91 -3.16 5.95
N LYS D 176 22.81 -2.28 6.40
CA LYS D 176 23.94 -2.69 7.22
C LYS D 176 23.43 -3.59 8.35
N ALA D 177 23.83 -4.86 8.35
CA ALA D 177 23.43 -5.79 9.39
C ALA D 177 24.13 -5.50 10.70
N GLN D 178 25.19 -4.69 10.68
CA GLN D 178 25.97 -4.34 11.85
C GLN D 178 25.63 -2.93 12.28
N PHE D 179 25.16 -2.78 13.53
CA PHE D 179 24.80 -1.45 14.01
C PHE D 179 26.05 -0.68 14.44
N ALA D 180 25.87 0.63 14.62
CA ALA D 180 26.93 1.52 15.04
C ALA D 180 26.64 2.03 16.44
N ASP D 181 27.61 1.92 17.33
CA ASP D 181 27.50 2.42 18.69
C ASP D 181 28.37 3.65 18.83
N ILE D 182 27.79 4.73 19.34
CA ILE D 182 28.48 6.01 19.48
C ILE D 182 28.41 6.44 20.94
N GLU D 183 29.57 6.46 21.58
CA GLU D 183 29.67 7.00 22.94
C GLU D 183 29.51 8.51 22.93
N PRO D 184 28.75 9.07 23.88
CA PRO D 184 28.58 10.55 23.91
C PRO D 184 29.83 11.25 24.43
N LYS D 185 30.99 10.93 23.85
CA LYS D 185 32.25 11.47 24.33
C LYS D 185 32.31 12.99 24.19
N PHE D 186 33.06 13.61 25.10
CA PHE D 186 33.15 15.07 25.17
C PHE D 186 33.77 15.64 23.90
N ASP D 187 33.21 16.77 23.44
CA ASP D 187 33.68 17.46 22.23
C ASP D 187 33.56 16.57 21.00
N ARG D 188 32.47 15.79 20.93
CA ARG D 188 32.24 14.90 19.80
C ARG D 188 31.07 15.42 18.97
N LEU D 189 31.29 15.56 17.67
CA LEU D 189 30.27 16.00 16.74
C LEU D 189 29.84 14.82 15.88
N LEU D 190 28.53 14.68 15.68
CA LEU D 190 27.98 13.55 14.98
C LEU D 190 27.00 14.03 13.92
N PHE D 191 27.09 13.44 12.73
CA PHE D 191 26.16 13.66 11.64
C PHE D 191 25.51 12.33 11.28
N PHE D 192 24.21 12.34 11.04
CA PHE D 192 23.59 11.14 10.47
C PHE D 192 22.31 11.51 9.75
N TRP D 193 21.99 10.77 8.69
CA TRP D 193 20.76 11.06 7.96
C TRP D 193 19.57 11.02 8.91
N SER D 194 18.63 11.94 8.73
CA SER D 194 17.48 12.00 9.61
C SER D 194 16.32 11.13 9.15
N ASP D 195 16.28 10.75 7.88
CA ASP D 195 15.12 10.04 7.35
C ASP D 195 15.20 8.57 7.79
N ARG D 196 14.27 7.76 7.29
CA ARG D 196 14.09 6.42 7.82
C ARG D 196 15.37 5.58 7.81
N ARG D 197 16.38 5.97 7.03
CA ARG D 197 17.54 5.11 6.84
C ARG D 197 18.26 4.79 8.14
N ASN D 198 18.21 5.69 9.13
CA ASN D 198 18.92 5.51 10.39
C ASN D 198 17.95 5.49 11.57
N PRO D 199 17.35 4.35 11.88
CA PRO D 199 16.73 4.19 13.19
C PRO D 199 17.82 4.23 14.24
N HIS D 200 17.50 4.78 15.40
CA HIS D 200 18.49 4.84 16.46
C HIS D 200 17.79 4.90 17.80
N GLU D 201 18.47 4.39 18.81
CA GLU D 201 18.00 4.45 20.19
C GLU D 201 19.14 4.98 21.05
N VAL D 202 18.79 5.46 22.23
CA VAL D 202 19.76 5.84 23.25
C VAL D 202 19.63 4.83 24.38
N GLN D 203 20.71 4.09 24.63
CA GLN D 203 20.69 3.13 25.71
C GLN D 203 20.68 3.85 27.05
N PRO D 204 19.98 3.33 28.05
CA PRO D 204 19.87 4.01 29.35
C PRO D 204 21.15 4.64 29.87
N ALA D 205 21.01 5.86 30.38
CA ALA D 205 22.12 6.65 30.89
C ALA D 205 22.12 6.59 32.41
N TYR D 206 23.29 6.32 33.00
CA TYR D 206 23.46 6.27 34.44
C TYR D 206 24.34 7.41 34.92
N ALA D 207 24.29 8.53 34.19
CA ALA D 207 24.96 9.79 34.52
C ALA D 207 24.24 10.84 33.69
N THR D 208 24.07 12.04 34.22
CA THR D 208 23.34 13.04 33.46
C THR D 208 24.08 13.33 32.16
N ARG D 209 23.39 13.10 31.04
CA ARG D 209 23.96 13.05 29.71
C ARG D 209 23.42 14.20 28.89
N TYR D 210 24.31 15.05 28.39
CA TYR D 210 23.90 16.27 27.73
C TYR D 210 24.34 16.28 26.27
N ALA D 211 23.45 16.72 25.39
CA ALA D 211 23.83 16.88 23.98
C ALA D 211 23.03 18.01 23.34
N ILE D 212 23.66 18.66 22.37
CA ILE D 212 23.04 19.72 21.58
C ILE D 212 22.80 19.17 20.19
N THR D 213 21.58 19.33 19.67
CA THR D 213 21.22 18.82 18.36
C THR D 213 20.70 19.94 17.47
N VAL D 214 21.01 19.86 16.18
CA VAL D 214 20.50 20.76 15.17
C VAL D 214 20.14 19.91 13.96
N TRP D 215 18.96 20.14 13.40
CA TRP D 215 18.54 19.44 12.19
C TRP D 215 18.59 20.38 10.99
N TYR D 216 19.26 19.93 9.94
CA TYR D 216 19.36 20.69 8.70
C TYR D 216 18.27 20.26 7.74
N PHE D 217 17.69 21.22 7.02
CA PHE D 217 16.53 20.96 6.17
C PHE D 217 16.95 20.78 4.72
N ASP D 218 16.27 19.88 4.01
CA ASP D 218 16.34 19.86 2.56
C ASP D 218 15.41 20.94 2.00
N ALA D 219 15.93 21.74 1.07
CA ALA D 219 15.16 22.85 0.52
C ALA D 219 13.83 22.38 -0.06
N ASP D 220 13.86 21.39 -0.96
CA ASP D 220 12.65 20.94 -1.62
C ASP D 220 11.72 20.21 -0.65
N GLU D 221 12.25 19.22 0.07
CA GLU D 221 11.44 18.49 1.05
C GLU D 221 10.80 19.45 2.05
N ARG D 222 11.59 20.42 2.52
CA ARG D 222 11.09 21.41 3.47
C ARG D 222 9.99 22.26 2.86
N ALA D 223 10.16 22.68 1.61
CA ALA D 223 9.15 23.48 0.92
C ALA D 223 7.86 22.70 0.74
N ARG D 224 7.98 21.41 0.39
CA ARG D 224 6.80 20.56 0.30
C ARG D 224 6.12 20.39 1.64
N ALA D 225 6.92 20.33 2.71
CA ALA D 225 6.38 20.13 4.05
C ALA D 225 5.59 21.33 4.54
N LYS D 226 6.11 22.54 4.27
CA LYS D 226 5.46 23.76 4.73
C LYS D 226 3.98 23.78 4.35
N VAL D 227 3.67 23.43 3.10
CA VAL D 227 2.30 23.45 2.64
C VAL D 227 1.51 22.32 3.28
N LYS D 228 2.09 21.12 3.32
CA LYS D 228 1.44 19.98 3.94
C LYS D 228 0.87 20.33 5.30
N TYR D 229 1.68 20.95 6.14
CA TYR D 229 1.29 21.17 7.54
C TYR D 229 0.46 22.44 7.71
N LEU D 230 0.98 23.58 7.29
CA LEU D 230 0.19 24.81 7.23
C LEU D 230 -0.68 25.02 8.47
N LEU E 14 -22.67 3.15 -39.96
CA LEU E 14 -23.60 2.05 -39.71
C LEU E 14 -24.08 2.05 -38.26
N PRO E 15 -25.29 1.55 -38.02
CA PRO E 15 -25.72 1.33 -36.64
C PRO E 15 -25.04 0.12 -36.04
N ALA E 16 -24.85 0.15 -34.72
CA ALA E 16 -24.21 -0.97 -34.05
C ALA E 16 -24.99 -2.26 -34.30
N LEU E 17 -26.32 -2.18 -34.32
CA LEU E 17 -27.14 -3.37 -34.43
C LEU E 17 -27.05 -3.98 -35.82
N LYS E 18 -27.11 -3.16 -36.87
CA LYS E 18 -26.94 -3.67 -38.22
C LYS E 18 -25.59 -4.36 -38.37
N LEU E 19 -24.52 -3.68 -37.95
CA LEU E 19 -23.18 -4.23 -38.08
C LEU E 19 -23.07 -5.54 -37.33
N ALA E 20 -23.53 -5.57 -36.08
CA ALA E 20 -23.49 -6.77 -35.26
C ALA E 20 -24.19 -7.93 -35.96
N LEU E 21 -25.46 -7.73 -36.35
CA LEU E 21 -26.28 -8.87 -36.78
C LEU E 21 -26.04 -9.25 -38.24
N GLU E 22 -25.73 -8.29 -39.10
CA GLU E 22 -25.63 -8.55 -40.53
C GLU E 22 -24.20 -8.80 -41.02
N TYR E 23 -23.19 -8.36 -40.28
CA TYR E 23 -21.81 -8.61 -40.69
C TYR E 23 -21.02 -9.40 -39.65
N ILE E 24 -20.98 -8.95 -38.40
CA ILE E 24 -20.08 -9.56 -37.43
C ILE E 24 -20.49 -11.00 -37.14
N VAL E 25 -21.78 -11.23 -36.89
CA VAL E 25 -22.25 -12.57 -36.53
C VAL E 25 -22.00 -13.56 -37.67
N PRO E 26 -22.61 -13.35 -38.84
CA PRO E 26 -22.37 -14.32 -39.94
C PRO E 26 -20.91 -14.48 -40.29
N CYS E 27 -20.14 -13.38 -40.28
CA CYS E 27 -18.74 -13.44 -40.69
C CYS E 27 -17.91 -14.20 -39.68
N MET E 28 -18.10 -13.93 -38.39
CA MET E 28 -17.46 -14.68 -37.33
C MET E 28 -17.78 -16.16 -37.44
N ASN E 29 -19.04 -16.49 -37.73
CA ASN E 29 -19.43 -17.90 -37.75
C ASN E 29 -18.87 -18.63 -38.96
N LYS E 30 -18.76 -17.95 -40.11
CA LYS E 30 -18.25 -18.61 -41.31
C LYS E 30 -16.73 -18.67 -41.31
N HIS E 31 -16.06 -17.54 -41.08
CA HIS E 31 -14.61 -17.46 -41.21
C HIS E 31 -13.86 -17.45 -39.88
N GLY E 32 -14.52 -17.05 -38.79
CA GLY E 32 -13.86 -16.88 -37.52
C GLY E 32 -13.04 -15.61 -37.40
N ILE E 33 -12.92 -14.83 -38.48
CA ILE E 33 -12.17 -13.58 -38.49
C ILE E 33 -13.05 -12.52 -39.14
N CYS E 34 -13.24 -11.39 -38.46
CA CYS E 34 -14.07 -10.31 -38.99
C CYS E 34 -13.34 -9.00 -38.87
N VAL E 35 -13.15 -8.32 -39.99
CA VAL E 35 -12.50 -7.01 -40.03
C VAL E 35 -13.55 -5.97 -40.36
N VAL E 36 -13.56 -4.89 -39.60
CA VAL E 36 -14.51 -3.79 -39.76
C VAL E 36 -13.71 -2.50 -39.89
N ASP E 37 -13.77 -1.86 -41.04
CA ASP E 37 -13.05 -0.62 -41.26
C ASP E 37 -13.89 0.58 -40.84
N ASP E 38 -13.21 1.67 -40.49
CA ASP E 38 -13.85 2.94 -40.15
C ASP E 38 -14.93 2.74 -39.08
N PHE E 39 -14.49 2.20 -37.94
CA PHE E 39 -15.41 1.75 -36.90
C PHE E 39 -15.92 2.89 -36.02
N LEU E 40 -15.13 3.92 -35.78
CA LEU E 40 -15.57 5.03 -34.91
C LEU E 40 -15.46 6.42 -35.53
N GLY E 41 -14.74 6.59 -36.61
CA GLY E 41 -14.71 7.88 -37.27
C GLY E 41 -13.38 8.58 -37.09
N LYS E 42 -12.95 9.29 -38.15
CA LYS E 42 -11.66 9.97 -38.10
C LYS E 42 -11.51 10.80 -36.83
N GLU E 43 -12.56 11.55 -36.46
CA GLU E 43 -12.50 12.41 -35.28
C GLU E 43 -12.34 11.59 -34.00
N THR E 44 -13.28 10.69 -33.73
CA THR E 44 -13.24 9.92 -32.48
C THR E 44 -11.95 9.12 -32.39
N GLY E 45 -11.57 8.44 -33.48
CA GLY E 45 -10.33 7.69 -33.48
C GLY E 45 -9.11 8.55 -33.25
N GLN E 46 -9.09 9.75 -33.84
CA GLN E 46 -7.97 10.67 -33.62
C GLN E 46 -7.83 11.00 -32.14
N GLN E 47 -8.95 11.27 -31.47
CA GLN E 47 -8.88 11.58 -30.04
C GLN E 47 -8.44 10.36 -29.23
N ILE E 48 -8.90 9.16 -29.61
CA ILE E 48 -8.39 7.96 -28.96
C ILE E 48 -6.87 7.91 -29.08
N GLY E 49 -6.37 8.23 -30.27
CA GLY E 49 -4.93 8.23 -30.48
C GLY E 49 -4.23 9.22 -29.57
N ASP E 50 -4.84 10.37 -29.35
CA ASP E 50 -4.24 11.34 -28.42
C ASP E 50 -4.15 10.75 -27.01
N GLU E 51 -5.23 10.13 -26.54
CA GLU E 51 -5.20 9.52 -25.20
C GLU E 51 -4.11 8.45 -25.10
N VAL E 52 -4.01 7.60 -26.12
CA VAL E 52 -3.06 6.48 -26.07
C VAL E 52 -1.62 6.98 -26.13
N ARG E 53 -1.33 7.89 -27.06
CA ARG E 53 0.00 8.51 -27.08
C ARG E 53 0.31 9.20 -25.76
N ALA E 54 -0.71 9.76 -25.11
CA ALA E 54 -0.49 10.38 -23.81
C ALA E 54 -0.04 9.35 -22.78
N LEU E 55 -0.65 8.16 -22.79
CA LEU E 55 -0.15 7.11 -21.92
C LEU E 55 1.29 6.74 -22.26
N HIS E 56 1.65 6.81 -23.54
CA HIS E 56 2.99 6.45 -23.98
C HIS E 56 4.03 7.41 -23.42
N ASP E 57 3.79 8.72 -23.54
CA ASP E 57 4.80 9.69 -23.10
C ASP E 57 5.01 9.64 -21.60
N THR E 58 3.95 9.43 -20.82
CA THR E 58 4.07 9.39 -19.37
C THR E 58 4.60 8.02 -18.94
N LYS E 81 4.31 1.78 -24.47
CA LYS E 81 3.14 2.21 -23.72
C LYS E 81 2.15 1.09 -23.53
N ILE E 82 2.56 0.02 -22.86
CA ILE E 82 1.72 -1.18 -22.71
C ILE E 82 1.14 -1.18 -21.30
N THR E 83 -0.18 -1.24 -21.22
CA THR E 83 -0.84 -1.10 -19.92
C THR E 83 -2.32 -1.43 -20.04
N TRP E 84 -2.96 -1.71 -18.91
CA TRP E 84 -4.37 -2.07 -18.87
C TRP E 84 -5.21 -0.88 -18.43
N ILE E 85 -6.28 -0.63 -19.19
CA ILE E 85 -7.16 0.52 -19.01
C ILE E 85 -8.55 0.00 -18.70
N GLU E 86 -9.08 0.37 -17.53
CA GLU E 86 -10.46 0.04 -17.18
C GLU E 86 -11.44 0.82 -18.02
N GLY E 87 -11.06 2.02 -18.47
CA GLY E 87 -11.90 2.85 -19.30
C GLY E 87 -12.53 4.03 -18.58
N LYS E 88 -12.47 4.05 -17.25
CA LYS E 88 -12.97 5.17 -16.47
C LYS E 88 -11.86 6.06 -15.93
N GLU E 89 -10.61 5.76 -16.25
CA GLU E 89 -9.50 6.58 -15.77
C GLU E 89 -9.67 8.03 -16.25
N PRO E 90 -8.94 8.96 -15.64
CA PRO E 90 -8.95 10.34 -16.13
C PRO E 90 -8.13 10.44 -17.42
N GLY E 91 -8.68 11.15 -18.40
CA GLY E 91 -8.01 11.24 -19.69
C GLY E 91 -7.99 9.95 -20.47
N CYS E 92 -8.90 9.03 -20.15
CA CYS E 92 -9.06 7.78 -20.87
C CYS E 92 -10.54 7.52 -21.19
N GLU E 93 -11.38 8.55 -21.05
CA GLU E 93 -12.81 8.38 -21.27
C GLU E 93 -13.11 8.03 -22.72
N THR E 94 -12.27 8.51 -23.65
CA THR E 94 -12.40 8.19 -25.06
C THR E 94 -12.11 6.71 -25.32
N ILE E 95 -11.03 6.20 -24.74
CA ILE E 95 -10.78 4.76 -24.81
C ILE E 95 -11.97 4.00 -24.27
N GLY E 96 -12.57 4.48 -23.19
CA GLY E 96 -13.76 3.84 -22.64
C GLY E 96 -14.94 3.91 -23.59
N LEU E 97 -15.03 4.97 -24.38
CA LEU E 97 -16.04 5.03 -25.43
C LEU E 97 -15.85 3.87 -26.40
N LEU E 98 -14.60 3.63 -26.80
CA LEU E 98 -14.29 2.48 -27.64
C LEU E 98 -14.71 1.17 -26.97
N MET E 99 -14.33 1.00 -25.71
CA MET E 99 -14.63 -0.24 -25.00
C MET E 99 -16.13 -0.50 -24.96
N SER E 100 -16.91 0.55 -24.66
CA SER E 100 -18.36 0.41 -24.61
C SER E 100 -18.94 0.16 -26.01
N SER E 101 -18.33 0.70 -27.07
CA SER E 101 -18.80 0.40 -28.42
C SER E 101 -18.62 -1.07 -28.73
N MET E 102 -17.43 -1.60 -28.46
CA MET E 102 -17.20 -3.04 -28.58
C MET E 102 -18.26 -3.81 -27.80
N ASP E 103 -18.49 -3.38 -26.55
CA ASP E 103 -19.48 -4.04 -25.70
C ASP E 103 -20.86 -4.01 -26.32
N ASP E 104 -21.23 -2.90 -26.96
CA ASP E 104 -22.53 -2.82 -27.63
C ASP E 104 -22.64 -3.86 -28.72
N LEU E 105 -21.64 -3.92 -29.60
CA LEU E 105 -21.67 -4.94 -30.64
C LEU E 105 -21.83 -6.34 -30.05
N ILE E 106 -21.00 -6.67 -29.07
CA ILE E 106 -21.08 -8.00 -28.44
C ILE E 106 -22.45 -8.21 -27.80
N ARG E 107 -23.04 -7.15 -27.26
CA ARG E 107 -24.37 -7.22 -26.66
C ARG E 107 -25.40 -7.64 -27.67
N HIS E 108 -25.34 -7.04 -28.86
CA HIS E 108 -26.31 -7.38 -29.90
C HIS E 108 -26.02 -8.76 -30.50
N CYS E 109 -24.77 -9.21 -30.49
CA CYS E 109 -24.44 -10.47 -31.14
C CYS E 109 -24.75 -11.72 -30.30
N ASN E 110 -25.22 -11.58 -29.06
CA ASN E 110 -25.01 -12.67 -28.12
C ASN E 110 -25.96 -13.83 -28.36
N GLY E 111 -25.48 -15.02 -28.00
CA GLY E 111 -26.11 -16.27 -28.38
C GLY E 111 -25.81 -16.71 -29.79
N LYS E 112 -25.43 -15.77 -30.66
CA LYS E 112 -25.15 -16.06 -32.06
C LYS E 112 -23.66 -16.19 -32.36
N LEU E 113 -22.80 -15.77 -31.42
CA LEU E 113 -21.36 -15.87 -31.61
C LEU E 113 -20.91 -17.32 -31.38
N GLY E 114 -21.27 -18.15 -32.33
CA GLY E 114 -20.94 -19.54 -32.20
C GLY E 114 -21.62 -20.16 -31.00
N SER E 115 -20.99 -21.22 -30.50
CA SER E 115 -21.46 -21.92 -29.31
C SER E 115 -21.42 -21.04 -28.06
N TYR E 116 -20.64 -19.97 -28.09
CA TYR E 116 -20.30 -19.25 -26.87
C TYR E 116 -21.46 -18.38 -26.38
N LYS E 117 -21.42 -18.10 -25.08
CA LYS E 117 -22.30 -17.12 -24.44
C LYS E 117 -21.39 -16.19 -23.63
N ILE E 118 -21.24 -14.95 -24.09
CA ILE E 118 -20.26 -14.04 -23.49
C ILE E 118 -20.86 -13.39 -22.26
N ASN E 119 -20.12 -13.41 -21.16
CA ASN E 119 -20.59 -12.74 -19.95
C ASN E 119 -19.66 -11.66 -19.43
N GLY E 120 -18.46 -11.53 -19.96
CA GLY E 120 -17.53 -10.55 -19.43
C GLY E 120 -16.29 -10.44 -20.30
N ARG E 121 -15.47 -9.45 -19.97
CA ARG E 121 -14.26 -9.18 -20.73
C ARG E 121 -13.14 -8.77 -19.79
N THR E 122 -11.98 -8.55 -20.38
CA THR E 122 -10.84 -7.95 -19.69
C THR E 122 -10.92 -6.43 -19.83
N LYS E 123 -10.08 -5.73 -19.06
CA LYS E 123 -9.81 -4.34 -19.36
C LYS E 123 -9.04 -4.25 -20.68
N ALA E 124 -8.98 -3.05 -21.25
CA ALA E 124 -8.31 -2.88 -22.53
C ALA E 124 -6.80 -2.98 -22.34
N MET E 125 -6.15 -3.83 -23.13
CA MET E 125 -4.69 -3.84 -23.19
C MET E 125 -4.26 -2.87 -24.29
N VAL E 126 -3.64 -1.78 -23.89
CA VAL E 126 -3.01 -0.84 -24.83
C VAL E 126 -1.60 -1.37 -25.08
N ALA E 127 -1.26 -1.61 -26.35
CA ALA E 127 0.04 -2.14 -26.70
C ALA E 127 0.71 -1.26 -27.74
N CYS E 128 2.04 -1.19 -27.63
CA CYS E 128 2.89 -0.33 -28.45
C CYS E 128 4.06 -1.14 -28.98
N TYR E 129 4.29 -1.06 -30.29
CA TYR E 129 5.46 -1.63 -30.95
C TYR E 129 6.36 -0.50 -31.41
N PRO E 130 7.64 -0.48 -31.04
CA PRO E 130 8.42 0.77 -31.21
C PRO E 130 8.65 1.25 -32.65
N GLY E 131 8.91 0.37 -33.60
CA GLY E 131 9.29 0.80 -34.93
C GLY E 131 10.74 0.54 -35.29
N ASN E 132 11.46 -0.19 -34.45
CA ASN E 132 12.81 -0.65 -34.74
C ASN E 132 12.81 -1.97 -35.49
N GLY E 133 11.64 -2.52 -35.80
CA GLY E 133 11.52 -3.84 -36.37
C GLY E 133 10.88 -4.86 -35.46
N THR E 134 10.31 -4.46 -34.33
CA THR E 134 9.75 -5.43 -33.42
C THR E 134 8.47 -6.06 -33.97
N GLY E 135 8.09 -7.16 -33.37
CA GLY E 135 6.87 -7.85 -33.74
C GLY E 135 6.49 -8.82 -32.64
N TYR E 136 5.68 -9.81 -33.02
CA TYR E 136 5.34 -10.88 -32.10
C TYR E 136 5.45 -12.22 -32.83
N VAL E 137 6.10 -13.19 -32.19
CA VAL E 137 6.21 -14.51 -32.78
C VAL E 137 4.84 -15.18 -32.81
N ARG E 138 4.72 -16.20 -33.65
CA ARG E 138 3.48 -16.95 -33.75
C ARG E 138 3.07 -17.49 -32.38
N HIS E 139 1.83 -17.19 -32.01
CA HIS E 139 1.30 -17.61 -30.71
C HIS E 139 -0.21 -17.77 -30.83
N VAL E 140 -0.79 -18.41 -29.82
CA VAL E 140 -2.23 -18.51 -29.65
C VAL E 140 -2.63 -17.71 -28.42
N ASP E 141 -3.66 -16.88 -28.56
CA ASP E 141 -4.07 -16.04 -27.44
C ASP E 141 -4.43 -16.88 -26.23
N ASN E 142 -5.30 -17.86 -26.41
CA ASN E 142 -5.89 -18.64 -25.32
C ASN E 142 -5.79 -20.13 -25.66
N PRO E 143 -4.63 -20.75 -25.43
CA PRO E 143 -4.47 -22.17 -25.75
C PRO E 143 -4.81 -23.10 -24.60
N ASN E 144 -4.99 -22.59 -23.38
CA ASN E 144 -5.13 -23.41 -22.19
C ASN E 144 -6.54 -23.37 -21.61
N GLY E 145 -7.52 -22.87 -22.38
CA GLY E 145 -8.89 -22.81 -21.91
C GLY E 145 -9.09 -21.91 -20.70
N ASP E 146 -8.53 -20.72 -20.74
CA ASP E 146 -8.66 -19.79 -19.63
C ASP E 146 -9.95 -18.96 -19.70
N GLY E 147 -10.82 -19.22 -20.67
CA GLY E 147 -12.11 -18.57 -20.74
C GLY E 147 -12.25 -17.53 -21.83
N ARG E 148 -11.15 -17.05 -22.42
CA ARG E 148 -11.23 -16.06 -23.48
C ARG E 148 -11.60 -16.73 -24.80
N CYS E 149 -12.67 -16.26 -25.43
CA CYS E 149 -13.11 -16.84 -26.69
C CYS E 149 -13.05 -15.89 -27.87
N VAL E 150 -13.12 -14.58 -27.66
CA VAL E 150 -13.10 -13.61 -28.75
C VAL E 150 -12.05 -12.54 -28.46
N THR E 151 -11.17 -12.30 -29.43
CA THR E 151 -10.16 -11.27 -29.37
C THR E 151 -10.64 -10.08 -30.19
N CYS E 152 -10.65 -8.90 -29.57
CA CYS E 152 -11.13 -7.67 -30.20
C CYS E 152 -9.99 -6.66 -30.20
N ILE E 153 -9.41 -6.42 -31.37
CA ILE E 153 -8.32 -5.47 -31.53
C ILE E 153 -8.85 -4.23 -32.23
N TYR E 154 -8.33 -3.07 -31.83
CA TYR E 154 -8.67 -1.81 -32.49
C TYR E 154 -7.37 -1.09 -32.83
N TYR E 155 -7.27 -0.62 -34.07
CA TYR E 155 -6.07 0.00 -34.60
C TYR E 155 -6.30 1.48 -34.82
N LEU E 156 -5.33 2.28 -34.36
CA LEU E 156 -5.36 3.74 -34.37
C LEU E 156 -4.12 4.31 -35.05
N ASN E 157 -3.61 3.62 -36.07
CA ASN E 157 -2.40 4.03 -36.78
C ASN E 157 -2.79 4.76 -38.06
N LYS E 158 -2.45 6.03 -38.14
CA LYS E 158 -2.86 6.86 -39.27
C LYS E 158 -1.95 6.64 -40.47
N ASP E 159 -2.56 6.48 -41.65
CA ASP E 159 -1.85 6.43 -42.93
C ASP E 159 -0.82 5.31 -42.99
N TRP E 160 -1.14 4.17 -42.38
CA TRP E 160 -0.17 3.09 -42.26
C TRP E 160 -0.06 2.34 -43.59
N ASP E 161 1.15 2.30 -44.16
CA ASP E 161 1.43 1.54 -45.36
C ASP E 161 2.32 0.36 -44.97
N ALA E 162 1.76 -0.85 -45.01
CA ALA E 162 2.50 -2.04 -44.63
C ALA E 162 3.71 -2.26 -45.53
N LYS E 163 3.67 -1.76 -46.77
CA LYS E 163 4.84 -1.82 -47.62
C LYS E 163 6.02 -1.10 -46.97
N VAL E 164 5.76 0.07 -46.41
CA VAL E 164 6.80 0.91 -45.82
C VAL E 164 7.02 0.55 -44.36
N SER E 165 5.94 0.48 -43.59
CA SER E 165 6.04 0.28 -42.14
C SER E 165 5.94 -1.18 -41.73
N GLY E 166 5.40 -2.05 -42.57
CA GLY E 166 5.24 -3.44 -42.20
C GLY E 166 4.16 -3.58 -41.14
N GLY E 167 4.47 -4.34 -40.09
CA GLY E 167 3.56 -4.47 -38.96
C GLY E 167 2.27 -5.17 -39.25
N ILE E 168 2.22 -6.00 -40.29
CA ILE E 168 1.00 -6.73 -40.63
C ILE E 168 0.77 -7.82 -39.60
N LEU E 169 -0.51 -8.12 -39.36
CA LEU E 169 -0.91 -9.24 -38.52
C LEU E 169 -1.32 -10.39 -39.44
N ARG E 170 -0.65 -11.53 -39.30
CA ARG E 170 -0.93 -12.71 -40.11
C ARG E 170 -1.58 -13.75 -39.22
N ILE E 171 -2.82 -14.10 -39.54
CA ILE E 171 -3.56 -15.14 -38.85
C ILE E 171 -3.55 -16.39 -39.71
N PHE E 172 -3.32 -17.55 -39.09
CA PHE E 172 -3.22 -18.81 -39.80
C PHE E 172 -4.38 -19.71 -39.41
N PRO E 173 -5.55 -19.52 -40.01
CA PRO E 173 -6.74 -20.26 -39.53
C PRO E 173 -6.49 -21.76 -39.52
N GLU E 174 -7.15 -22.43 -38.59
CA GLU E 174 -6.98 -23.88 -38.45
C GLU E 174 -7.40 -24.57 -39.74
N GLY E 175 -6.58 -25.53 -40.17
CA GLY E 175 -6.92 -26.31 -41.34
C GLY E 175 -6.59 -25.63 -42.66
N LYS E 176 -7.39 -24.64 -43.06
CA LYS E 176 -7.17 -24.02 -44.37
C LYS E 176 -5.76 -23.42 -44.42
N ALA E 177 -5.10 -23.60 -45.56
CA ALA E 177 -3.71 -23.18 -45.69
C ALA E 177 -3.58 -21.68 -45.91
N GLN E 178 -4.48 -21.10 -46.71
CA GLN E 178 -4.42 -19.68 -47.01
C GLN E 178 -4.57 -18.86 -45.73
N PHE E 179 -3.50 -18.19 -45.31
CA PHE E 179 -3.53 -17.32 -44.16
C PHE E 179 -4.22 -16.01 -44.50
N ALA E 180 -4.39 -15.15 -43.50
CA ALA E 180 -5.04 -13.86 -43.64
C ALA E 180 -4.10 -12.77 -43.15
N ASP E 181 -3.82 -11.79 -44.01
CA ASP E 181 -3.01 -10.64 -43.63
C ASP E 181 -3.93 -9.44 -43.37
N ILE E 182 -3.90 -8.95 -42.15
CA ILE E 182 -4.65 -7.76 -41.73
C ILE E 182 -3.66 -6.61 -41.58
N GLU E 183 -3.96 -5.49 -42.23
CA GLU E 183 -3.16 -4.30 -41.98
C GLU E 183 -3.70 -3.54 -40.78
N PRO E 184 -2.84 -2.94 -39.95
CA PRO E 184 -3.33 -2.22 -38.76
C PRO E 184 -3.68 -0.76 -39.07
N LYS E 185 -4.64 -0.57 -39.98
CA LYS E 185 -5.01 0.76 -40.41
C LYS E 185 -5.83 1.50 -39.34
N PHE E 186 -5.66 2.83 -39.30
CA PHE E 186 -6.39 3.70 -38.39
C PHE E 186 -7.86 3.36 -38.34
N ASP E 187 -8.43 3.39 -37.13
CA ASP E 187 -9.86 3.25 -36.94
C ASP E 187 -10.35 1.88 -37.43
N ARG E 188 -9.54 0.85 -37.25
CA ARG E 188 -9.93 -0.48 -37.71
C ARG E 188 -10.27 -1.37 -36.52
N LEU E 189 -11.29 -2.20 -36.66
CA LEU E 189 -11.69 -3.15 -35.63
C LEU E 189 -11.53 -4.56 -36.18
N LEU E 190 -11.10 -5.48 -35.32
CA LEU E 190 -10.82 -6.85 -35.72
C LEU E 190 -11.35 -7.78 -34.64
N PHE E 191 -12.16 -8.76 -35.04
CA PHE E 191 -12.59 -9.83 -34.17
C PHE E 191 -11.98 -11.14 -34.66
N PHE E 192 -11.49 -11.96 -33.73
CA PHE E 192 -11.14 -13.33 -34.13
C PHE E 192 -11.18 -14.27 -32.93
N TRP E 193 -11.48 -15.55 -33.20
CA TRP E 193 -11.52 -16.54 -32.13
C TRP E 193 -10.16 -16.59 -31.43
N SER E 194 -10.18 -16.55 -30.11
CA SER E 194 -8.93 -16.55 -29.35
C SER E 194 -8.28 -17.93 -29.29
N ASP E 195 -9.06 -19.00 -29.39
CA ASP E 195 -8.55 -20.33 -29.10
C ASP E 195 -7.62 -20.80 -30.23
N ARG E 196 -7.26 -22.08 -30.16
CA ARG E 196 -6.23 -22.67 -31.02
C ARG E 196 -6.57 -22.62 -32.50
N ARG E 197 -7.80 -22.22 -32.86
CA ARG E 197 -8.14 -22.11 -34.27
C ARG E 197 -7.34 -21.02 -34.97
N ASN E 198 -7.00 -19.94 -34.26
CA ASN E 198 -6.35 -18.77 -34.85
C ASN E 198 -4.98 -18.53 -34.22
N PRO E 199 -3.95 -19.23 -34.68
CA PRO E 199 -2.58 -18.79 -34.38
C PRO E 199 -2.29 -17.55 -35.21
N HIS E 200 -1.37 -16.72 -34.73
CA HIS E 200 -1.12 -15.50 -35.47
C HIS E 200 0.19 -14.87 -35.02
N GLU E 201 0.82 -14.17 -35.95
CA GLU E 201 2.02 -13.39 -35.66
C GLU E 201 1.79 -11.94 -36.07
N VAL E 202 2.54 -11.06 -35.45
CA VAL E 202 2.62 -9.66 -35.84
C VAL E 202 3.92 -9.45 -36.59
N GLN E 203 3.84 -9.14 -37.86
CA GLN E 203 5.06 -8.97 -38.63
C GLN E 203 5.81 -7.73 -38.17
N PRO E 204 7.12 -7.67 -38.46
CA PRO E 204 7.93 -6.55 -37.95
C PRO E 204 7.38 -5.20 -38.35
N ALA E 205 7.45 -4.27 -37.40
CA ALA E 205 6.92 -2.92 -37.56
C ALA E 205 8.07 -1.92 -37.60
N TYR E 206 8.13 -1.11 -38.64
CA TYR E 206 9.14 -0.06 -38.78
C TYR E 206 8.54 1.32 -38.60
N ALA E 207 7.44 1.38 -37.84
CA ALA E 207 6.81 2.62 -37.36
C ALA E 207 6.10 2.23 -36.08
N THR E 208 5.94 3.18 -35.17
CA THR E 208 5.33 2.84 -33.89
C THR E 208 3.88 2.38 -34.11
N ARG E 209 3.56 1.21 -33.57
CA ARG E 209 2.33 0.48 -33.86
C ARG E 209 1.54 0.37 -32.57
N TYR E 210 0.47 1.13 -32.46
CA TYR E 210 -0.39 1.06 -31.30
C TYR E 210 -1.66 0.28 -31.64
N ALA E 211 -2.09 -0.58 -30.72
CA ALA E 211 -3.40 -1.19 -30.85
C ALA E 211 -3.98 -1.46 -29.46
N ILE E 212 -5.30 -1.39 -29.36
CA ILE E 212 -6.02 -1.70 -28.14
C ILE E 212 -6.73 -3.04 -28.33
N THR E 213 -6.48 -3.96 -27.42
CA THR E 213 -7.07 -5.29 -27.49
C THR E 213 -7.99 -5.51 -26.29
N VAL E 214 -9.11 -6.18 -26.53
CA VAL E 214 -10.05 -6.58 -25.50
C VAL E 214 -10.39 -8.04 -25.73
N TRP E 215 -10.44 -8.82 -24.66
CA TRP E 215 -10.80 -10.23 -24.75
C TRP E 215 -12.14 -10.48 -24.06
N TYR E 216 -12.98 -11.28 -24.70
CA TYR E 216 -14.32 -11.58 -24.22
C TYR E 216 -14.37 -13.01 -23.71
N PHE E 217 -15.18 -13.22 -22.67
CA PHE E 217 -15.19 -14.47 -21.92
C PHE E 217 -16.43 -15.31 -22.20
N ASP E 218 -16.22 -16.57 -22.55
CA ASP E 218 -17.25 -17.59 -22.51
C ASP E 218 -17.58 -17.91 -21.05
N ALA E 219 -18.86 -17.90 -20.70
CA ALA E 219 -19.25 -18.06 -19.30
C ALA E 219 -18.76 -19.39 -18.73
N ASP E 220 -19.07 -20.50 -19.42
CA ASP E 220 -18.74 -21.82 -18.89
C ASP E 220 -17.23 -22.00 -18.75
N GLU E 221 -16.48 -21.77 -19.84
CA GLU E 221 -15.04 -21.96 -19.79
C GLU E 221 -14.40 -21.06 -18.74
N ARG E 222 -14.88 -19.82 -18.63
CA ARG E 222 -14.35 -18.89 -17.64
C ARG E 222 -14.60 -19.38 -16.23
N ALA E 223 -15.79 -19.94 -15.98
CA ALA E 223 -16.08 -20.49 -14.66
C ALA E 223 -15.15 -21.65 -14.32
N ARG E 224 -14.97 -22.57 -15.27
CA ARG E 224 -14.07 -23.70 -15.02
C ARG E 224 -12.66 -23.20 -14.72
N ALA E 225 -12.24 -22.14 -15.43
CA ALA E 225 -10.89 -21.61 -15.23
C ALA E 225 -10.72 -21.01 -13.84
N LYS E 226 -11.72 -20.25 -13.37
CA LYS E 226 -11.56 -19.59 -12.07
C LYS E 226 -11.20 -20.60 -10.99
N VAL E 227 -11.78 -21.80 -11.04
CA VAL E 227 -11.41 -22.85 -10.10
C VAL E 227 -10.03 -23.39 -10.45
N LYS E 228 -9.82 -23.74 -11.73
CA LYS E 228 -8.51 -24.21 -12.18
C LYS E 228 -7.39 -23.40 -11.55
N TYR E 229 -7.53 -22.08 -11.55
CA TYR E 229 -6.54 -21.18 -10.98
C TYR E 229 -7.21 -20.35 -9.87
N LEU F 14 -20.16 -37.75 18.41
CA LEU F 14 -18.99 -38.51 18.00
C LEU F 14 -17.75 -37.63 18.03
N PRO F 15 -16.72 -38.04 18.79
CA PRO F 15 -15.48 -37.24 18.84
C PRO F 15 -14.69 -37.35 17.55
N ALA F 16 -13.69 -36.48 17.44
CA ALA F 16 -13.00 -36.29 16.17
C ALA F 16 -12.35 -37.58 15.68
N LEU F 17 -11.55 -38.25 16.52
CA LEU F 17 -10.90 -39.46 16.03
C LEU F 17 -11.93 -40.52 15.66
N LYS F 18 -13.00 -40.63 16.44
CA LYS F 18 -14.07 -41.57 16.11
C LYS F 18 -14.72 -41.20 14.78
N LEU F 19 -15.17 -39.95 14.66
CA LEU F 19 -15.77 -39.51 13.41
C LEU F 19 -14.83 -39.76 12.23
N ALA F 20 -13.56 -39.41 12.39
CA ALA F 20 -12.59 -39.48 11.32
C ALA F 20 -12.31 -40.92 10.90
N LEU F 21 -12.11 -41.82 11.85
CA LEU F 21 -11.65 -43.17 11.55
C LEU F 21 -12.78 -44.18 11.44
N GLU F 22 -13.88 -43.99 12.16
CA GLU F 22 -15.05 -44.83 11.98
C GLU F 22 -15.75 -44.53 10.66
N TYR F 23 -15.85 -43.25 10.30
CA TYR F 23 -16.65 -42.86 9.13
C TYR F 23 -15.83 -42.27 7.99
N ILE F 24 -15.02 -41.24 8.25
CA ILE F 24 -14.51 -40.43 7.14
C ILE F 24 -13.47 -41.19 6.32
N VAL F 25 -12.45 -41.73 6.97
CA VAL F 25 -11.38 -42.42 6.26
C VAL F 25 -11.95 -43.52 5.37
N PRO F 26 -12.70 -44.48 5.93
CA PRO F 26 -13.22 -45.56 5.09
C PRO F 26 -14.15 -45.04 4.00
N CYS F 27 -15.06 -44.14 4.37
CA CYS F 27 -16.01 -43.56 3.43
C CYS F 27 -15.30 -42.96 2.22
N MET F 28 -14.24 -42.19 2.47
CA MET F 28 -13.53 -41.53 1.39
C MET F 28 -12.83 -42.52 0.49
N ASN F 29 -12.08 -43.46 1.07
CA ASN F 29 -11.38 -44.42 0.21
C ASN F 29 -12.37 -45.31 -0.54
N LYS F 30 -13.56 -45.53 0.03
CA LYS F 30 -14.55 -46.38 -0.61
C LYS F 30 -15.33 -45.63 -1.69
N HIS F 31 -15.68 -44.38 -1.44
CA HIS F 31 -16.53 -43.64 -2.38
C HIS F 31 -15.92 -42.34 -2.88
N GLY F 32 -15.03 -41.71 -2.13
CA GLY F 32 -14.49 -40.43 -2.53
C GLY F 32 -15.38 -39.24 -2.25
N ILE F 33 -16.52 -39.47 -1.60
CA ILE F 33 -17.44 -38.41 -1.19
C ILE F 33 -17.95 -38.76 0.19
N CYS F 34 -17.93 -37.80 1.11
CA CYS F 34 -18.19 -38.08 2.52
C CYS F 34 -18.92 -36.93 3.17
N VAL F 35 -20.11 -37.20 3.70
CA VAL F 35 -20.95 -36.18 4.33
C VAL F 35 -21.08 -36.48 5.81
N VAL F 36 -21.06 -35.41 6.61
CA VAL F 36 -21.14 -35.46 8.07
C VAL F 36 -22.17 -34.42 8.46
N ASP F 37 -23.29 -34.86 9.00
CA ASP F 37 -24.33 -33.91 9.38
C ASP F 37 -24.19 -33.49 10.83
N ASP F 38 -24.71 -32.31 11.14
CA ASP F 38 -24.63 -31.74 12.48
C ASP F 38 -23.18 -31.78 13.00
N PHE F 39 -22.33 -31.02 12.32
CA PHE F 39 -20.90 -31.04 12.62
C PHE F 39 -20.57 -30.27 13.90
N LEU F 40 -21.18 -29.10 14.11
CA LEU F 40 -20.83 -28.27 15.25
C LEU F 40 -22.00 -27.92 16.17
N GLY F 41 -23.23 -28.23 15.79
CA GLY F 41 -24.37 -27.91 16.63
C GLY F 41 -25.04 -26.61 16.24
N LYS F 42 -26.28 -26.44 16.72
CA LYS F 42 -27.08 -25.29 16.33
C LYS F 42 -26.35 -23.98 16.62
N GLU F 43 -25.98 -23.77 17.88
CA GLU F 43 -25.54 -22.45 18.32
C GLU F 43 -24.29 -21.98 17.57
N THR F 44 -23.28 -22.86 17.48
CA THR F 44 -22.04 -22.49 16.79
C THR F 44 -22.29 -22.25 15.31
N GLY F 45 -23.17 -23.05 14.70
CA GLY F 45 -23.53 -22.82 13.31
C GLY F 45 -24.22 -21.48 13.11
N GLN F 46 -25.06 -21.08 14.07
CA GLN F 46 -25.70 -19.78 13.98
C GLN F 46 -24.67 -18.66 14.11
N GLN F 47 -23.69 -18.82 14.99
CA GLN F 47 -22.64 -17.80 15.10
C GLN F 47 -21.94 -17.64 13.75
N ILE F 48 -21.58 -18.77 13.14
CA ILE F 48 -20.89 -18.74 11.86
C ILE F 48 -21.77 -18.07 10.80
N GLY F 49 -23.05 -18.42 10.78
CA GLY F 49 -23.96 -17.78 9.84
C GLY F 49 -24.03 -16.29 10.05
N ASP F 50 -24.04 -15.86 11.32
CA ASP F 50 -24.08 -14.43 11.62
C ASP F 50 -22.85 -13.73 11.05
N GLU F 51 -21.68 -14.35 11.20
CA GLU F 51 -20.47 -13.71 10.68
C GLU F 51 -20.46 -13.69 9.16
N VAL F 52 -20.86 -14.80 8.52
CA VAL F 52 -20.88 -14.86 7.07
C VAL F 52 -21.87 -13.84 6.51
N ARG F 53 -23.05 -13.72 7.14
CA ARG F 53 -23.99 -12.67 6.76
C ARG F 53 -23.40 -11.29 6.97
N ALA F 54 -22.64 -11.10 8.07
CA ALA F 54 -22.01 -9.81 8.32
C ALA F 54 -21.02 -9.47 7.21
N LEU F 55 -20.33 -10.48 6.68
CA LEU F 55 -19.44 -10.26 5.54
C LEU F 55 -20.25 -9.92 4.29
N HIS F 56 -21.43 -10.55 4.15
CA HIS F 56 -22.29 -10.24 3.01
C HIS F 56 -22.68 -8.77 2.99
N ASP F 57 -23.40 -8.32 4.02
CA ASP F 57 -23.91 -6.96 4.03
C ASP F 57 -22.77 -5.94 4.05
N THR F 58 -21.71 -6.23 4.78
CA THR F 58 -20.52 -5.37 4.77
C THR F 58 -20.01 -5.20 3.34
N GLY F 79 -16.18 -13.03 -9.66
CA GLY F 79 -16.81 -14.07 -8.86
C GLY F 79 -18.29 -13.80 -8.66
N ASP F 80 -19.07 -14.82 -8.27
CA ASP F 80 -20.46 -14.52 -7.94
C ASP F 80 -20.46 -13.68 -6.66
N LYS F 81 -20.02 -14.23 -5.54
CA LYS F 81 -19.67 -13.41 -4.37
C LYS F 81 -18.82 -14.29 -3.44
N ILE F 82 -17.50 -14.09 -3.46
CA ILE F 82 -16.63 -14.89 -2.60
C ILE F 82 -15.64 -13.98 -1.88
N THR F 83 -15.02 -14.55 -0.85
CA THR F 83 -14.03 -13.83 -0.06
C THR F 83 -13.24 -14.84 0.76
N TRP F 84 -11.97 -14.51 1.03
CA TRP F 84 -11.09 -15.43 1.73
C TRP F 84 -10.88 -14.99 3.18
N ILE F 85 -10.87 -15.98 4.07
CA ILE F 85 -10.80 -15.79 5.51
C ILE F 85 -9.61 -16.59 6.02
N GLU F 86 -8.70 -15.92 6.73
CA GLU F 86 -7.56 -16.60 7.34
C GLU F 86 -7.91 -17.23 8.67
N GLY F 87 -9.01 -16.82 9.29
CA GLY F 87 -9.49 -17.40 10.53
C GLY F 87 -9.12 -16.63 11.78
N LYS F 88 -8.09 -15.78 11.70
CA LYS F 88 -7.68 -14.94 12.82
C LYS F 88 -8.18 -13.50 12.67
N GLU F 89 -9.03 -13.23 11.69
CA GLU F 89 -9.48 -11.88 11.44
C GLU F 89 -10.57 -11.48 12.43
N PRO F 90 -10.62 -10.20 12.82
CA PRO F 90 -11.63 -9.79 13.80
C PRO F 90 -13.02 -9.85 13.22
N GLY F 91 -13.91 -10.54 13.92
CA GLY F 91 -15.25 -10.80 13.41
C GLY F 91 -15.37 -12.07 12.61
N CYS F 92 -14.29 -12.83 12.45
CA CYS F 92 -14.30 -14.10 11.74
C CYS F 92 -13.79 -15.24 12.60
N GLU F 93 -13.59 -15.00 13.90
CA GLU F 93 -12.96 -16.00 14.76
C GLU F 93 -13.79 -17.26 14.87
N THR F 94 -15.12 -17.15 14.79
CA THR F 94 -15.95 -18.35 14.74
C THR F 94 -15.65 -19.16 13.49
N ILE F 95 -15.49 -18.49 12.34
CA ILE F 95 -15.11 -19.18 11.11
C ILE F 95 -13.77 -19.87 11.28
N GLY F 96 -12.84 -19.19 11.96
CA GLY F 96 -11.56 -19.82 12.27
C GLY F 96 -11.75 -21.07 13.10
N LEU F 97 -12.72 -21.06 14.02
CA LEU F 97 -13.04 -22.27 14.78
C LEU F 97 -13.39 -23.42 13.84
N LEU F 98 -14.19 -23.14 12.82
CA LEU F 98 -14.58 -24.18 11.87
C LEU F 98 -13.38 -24.73 11.11
N MET F 99 -12.55 -23.83 10.58
CA MET F 99 -11.33 -24.26 9.89
C MET F 99 -10.48 -25.12 10.82
N SER F 100 -10.43 -24.75 12.11
CA SER F 100 -9.65 -25.50 13.08
C SER F 100 -10.23 -26.89 13.34
N SER F 101 -11.56 -26.99 13.39
CA SER F 101 -12.18 -28.30 13.60
C SER F 101 -11.95 -29.21 12.40
N MET F 102 -12.06 -28.66 11.19
CA MET F 102 -11.71 -29.44 10.01
C MET F 102 -10.26 -29.89 10.08
N ASP F 103 -9.38 -29.02 10.56
CA ASP F 103 -7.98 -29.39 10.78
C ASP F 103 -7.87 -30.57 11.74
N ASP F 104 -8.67 -30.57 12.80
CA ASP F 104 -8.68 -31.72 13.71
C ASP F 104 -8.97 -33.00 12.94
N LEU F 105 -10.07 -33.01 12.20
CA LEU F 105 -10.45 -34.21 11.46
C LEU F 105 -9.33 -34.64 10.50
N ILE F 106 -8.83 -33.71 9.68
CA ILE F 106 -7.80 -34.03 8.71
C ILE F 106 -6.52 -34.49 9.39
N ARG F 107 -6.22 -33.93 10.55
CA ARG F 107 -5.05 -34.31 11.33
C ARG F 107 -5.15 -35.76 11.79
N HIS F 108 -6.36 -36.23 12.07
CA HIS F 108 -6.51 -37.63 12.48
C HIS F 108 -6.60 -38.57 11.28
N CYS F 109 -7.06 -38.09 10.13
CA CYS F 109 -7.07 -38.95 8.96
C CYS F 109 -5.70 -39.09 8.30
N ASN F 110 -4.71 -38.32 8.74
CA ASN F 110 -3.51 -38.17 7.94
C ASN F 110 -2.77 -39.49 7.84
N GLY F 111 -2.33 -39.81 6.61
CA GLY F 111 -1.78 -41.10 6.30
C GLY F 111 -2.81 -42.14 5.93
N LYS F 112 -4.10 -41.86 6.13
CA LYS F 112 -5.15 -42.80 5.83
C LYS F 112 -6.05 -42.36 4.68
N LEU F 113 -5.84 -41.15 4.15
CA LEU F 113 -6.66 -40.63 3.06
C LEU F 113 -5.97 -40.94 1.74
N GLY F 114 -6.10 -42.19 1.31
CA GLY F 114 -5.40 -42.58 0.11
C GLY F 114 -3.91 -42.43 0.30
N SER F 115 -3.22 -42.12 -0.80
CA SER F 115 -1.78 -41.94 -0.77
C SER F 115 -1.37 -40.49 -0.49
N TYR F 116 -2.32 -39.65 -0.08
CA TYR F 116 -2.03 -38.25 0.17
C TYR F 116 -1.43 -38.06 1.57
N LYS F 117 -0.39 -37.24 1.63
CA LYS F 117 0.13 -36.72 2.90
C LYS F 117 -0.22 -35.24 2.94
N ILE F 118 -1.25 -34.88 3.70
CA ILE F 118 -1.70 -33.49 3.77
C ILE F 118 -0.77 -32.73 4.71
N ASN F 119 -0.14 -31.67 4.21
CA ASN F 119 0.73 -30.83 5.01
C ASN F 119 0.25 -29.39 5.13
N GLY F 120 -0.77 -28.99 4.38
CA GLY F 120 -1.24 -27.62 4.45
C GLY F 120 -2.61 -27.51 3.84
N ARG F 121 -3.16 -26.30 3.90
CA ARG F 121 -4.46 -26.03 3.31
C ARG F 121 -4.52 -24.59 2.82
N THR F 122 -5.52 -24.31 2.01
CA THR F 122 -5.81 -22.94 1.62
C THR F 122 -6.48 -22.20 2.78
N LYS F 123 -6.67 -20.90 2.59
CA LYS F 123 -7.59 -20.16 3.45
C LYS F 123 -9.01 -20.60 3.16
N ALA F 124 -9.96 -20.11 3.96
CA ALA F 124 -11.35 -20.47 3.78
C ALA F 124 -12.00 -19.54 2.75
N MET F 125 -12.76 -20.13 1.82
CA MET F 125 -13.51 -19.36 0.82
C MET F 125 -14.97 -19.32 1.24
N VAL F 126 -15.42 -18.13 1.65
CA VAL F 126 -16.84 -17.87 1.90
C VAL F 126 -17.47 -17.52 0.56
N ALA F 127 -18.48 -18.29 0.16
CA ALA F 127 -19.14 -18.12 -1.14
C ALA F 127 -20.64 -17.98 -0.93
N CYS F 128 -21.23 -16.98 -1.60
CA CYS F 128 -22.64 -16.64 -1.48
C CYS F 128 -23.28 -16.64 -2.87
N TYR F 129 -24.31 -17.47 -3.07
CA TYR F 129 -25.13 -17.45 -4.27
C TYR F 129 -26.35 -16.57 -4.04
N PRO F 130 -26.59 -15.58 -4.90
CA PRO F 130 -27.58 -14.55 -4.57
C PRO F 130 -29.02 -15.02 -4.48
N GLY F 131 -29.45 -15.97 -5.28
CA GLY F 131 -30.84 -16.38 -5.32
C GLY F 131 -31.60 -15.90 -6.54
N ASN F 132 -30.91 -15.48 -7.60
CA ASN F 132 -31.53 -15.07 -8.85
C ASN F 132 -31.43 -16.17 -9.90
N GLY F 133 -31.38 -17.43 -9.47
CA GLY F 133 -31.20 -18.55 -10.37
C GLY F 133 -29.77 -18.98 -10.57
N THR F 134 -28.83 -18.43 -9.81
CA THR F 134 -27.41 -18.71 -10.02
C THR F 134 -27.07 -20.17 -9.69
N GLY F 135 -25.94 -20.60 -10.23
CA GLY F 135 -25.36 -21.87 -9.88
C GLY F 135 -23.89 -21.87 -10.25
N TYR F 136 -23.35 -23.07 -10.42
CA TYR F 136 -22.01 -23.24 -10.95
C TYR F 136 -22.01 -24.45 -11.88
N VAL F 137 -21.50 -24.25 -13.10
CA VAL F 137 -21.53 -25.30 -14.10
C VAL F 137 -20.62 -26.45 -13.69
N ARG F 138 -20.82 -27.60 -14.32
CA ARG F 138 -20.02 -28.78 -14.00
C ARG F 138 -18.55 -28.48 -14.19
N HIS F 139 -17.74 -28.85 -13.18
CA HIS F 139 -16.33 -28.56 -13.21
C HIS F 139 -15.58 -29.56 -12.35
N VAL F 140 -14.26 -29.46 -12.38
CA VAL F 140 -13.35 -30.19 -11.50
C VAL F 140 -12.54 -29.15 -10.75
N ASP F 141 -12.51 -29.25 -9.42
CA ASP F 141 -11.77 -28.26 -8.64
C ASP F 141 -10.33 -28.15 -9.11
N ASN F 142 -9.60 -29.27 -9.07
CA ASN F 142 -8.18 -29.29 -9.44
C ASN F 142 -7.93 -30.26 -10.57
N PRO F 143 -7.98 -29.81 -11.83
CA PRO F 143 -7.62 -30.69 -12.95
C PRO F 143 -6.19 -30.51 -13.44
N ASN F 144 -5.49 -29.49 -12.95
CA ASN F 144 -4.14 -29.17 -13.42
C ASN F 144 -3.04 -29.65 -12.48
N GLY F 145 -3.37 -30.50 -11.52
CA GLY F 145 -2.38 -30.96 -10.56
C GLY F 145 -1.74 -29.85 -9.77
N ASP F 146 -2.53 -28.88 -9.31
CA ASP F 146 -1.99 -27.75 -8.55
C ASP F 146 -1.77 -28.08 -7.08
N GLY F 147 -2.00 -29.33 -6.67
CA GLY F 147 -1.68 -29.77 -5.32
C GLY F 147 -2.86 -29.88 -4.38
N ARG F 148 -4.05 -29.43 -4.78
CA ARG F 148 -5.24 -29.62 -3.97
C ARG F 148 -5.75 -31.04 -4.14
N CYS F 149 -6.04 -31.70 -3.03
CA CYS F 149 -6.46 -33.10 -3.06
C CYS F 149 -7.81 -33.36 -2.42
N VAL F 150 -8.14 -32.69 -1.32
CA VAL F 150 -9.43 -32.86 -0.66
C VAL F 150 -10.14 -31.52 -0.63
N THR F 151 -11.40 -31.52 -1.05
CA THR F 151 -12.28 -30.37 -0.95
C THR F 151 -13.17 -30.52 0.26
N CYS F 152 -13.16 -29.51 1.14
CA CYS F 152 -13.94 -29.49 2.36
C CYS F 152 -14.91 -28.32 2.29
N ILE F 153 -16.21 -28.62 2.39
CA ILE F 153 -17.24 -27.58 2.35
C ILE F 153 -18.10 -27.66 3.60
N TYR F 154 -18.51 -26.50 4.12
CA TYR F 154 -19.39 -26.42 5.26
C TYR F 154 -20.58 -25.53 4.89
N TYR F 155 -21.79 -26.02 5.16
CA TYR F 155 -23.01 -25.33 4.80
C TYR F 155 -23.67 -24.74 6.04
N LEU F 156 -24.27 -23.56 5.88
CA LEU F 156 -24.87 -22.84 7.00
C LEU F 156 -26.19 -22.19 6.60
N ASN F 157 -27.05 -22.95 5.93
CA ASN F 157 -28.31 -22.43 5.42
C ASN F 157 -29.47 -23.04 6.20
N LYS F 158 -30.06 -22.24 7.09
CA LYS F 158 -31.12 -22.74 7.95
C LYS F 158 -32.40 -22.99 7.15
N ASP F 159 -32.98 -24.17 7.34
CA ASP F 159 -34.28 -24.52 6.76
C ASP F 159 -34.25 -24.40 5.23
N TRP F 160 -33.43 -25.25 4.63
CA TRP F 160 -33.20 -25.23 3.19
C TRP F 160 -33.94 -26.38 2.53
N ASP F 161 -34.94 -26.05 1.72
CA ASP F 161 -35.66 -27.04 0.93
C ASP F 161 -35.16 -26.99 -0.50
N ALA F 162 -34.64 -28.13 -0.99
CA ALA F 162 -34.21 -28.20 -2.38
C ALA F 162 -35.39 -28.04 -3.32
N LYS F 163 -36.56 -28.56 -2.93
CA LYS F 163 -37.75 -28.44 -3.78
C LYS F 163 -38.11 -26.97 -4.01
N VAL F 164 -37.90 -26.13 -3.01
CA VAL F 164 -38.26 -24.72 -3.14
C VAL F 164 -37.07 -23.89 -3.59
N SER F 165 -35.99 -23.91 -2.81
CA SER F 165 -34.85 -23.04 -3.09
C SER F 165 -33.86 -23.62 -4.09
N GLY F 166 -33.86 -24.94 -4.28
CA GLY F 166 -32.92 -25.54 -5.22
C GLY F 166 -31.51 -25.54 -4.66
N GLY F 167 -30.53 -25.33 -5.54
CA GLY F 167 -29.16 -25.21 -5.12
C GLY F 167 -28.50 -26.49 -4.64
N ILE F 168 -28.83 -27.61 -5.26
CA ILE F 168 -28.25 -28.90 -4.88
C ILE F 168 -26.88 -29.04 -5.52
N LEU F 169 -25.94 -29.63 -4.77
CA LEU F 169 -24.62 -29.96 -5.31
C LEU F 169 -24.72 -31.36 -5.93
N ARG F 170 -24.41 -31.48 -7.20
CA ARG F 170 -24.45 -32.77 -7.86
C ARG F 170 -23.04 -33.18 -8.26
N ILE F 171 -22.59 -34.29 -7.72
CA ILE F 171 -21.26 -34.83 -7.99
C ILE F 171 -21.42 -36.06 -8.85
N PHE F 172 -20.59 -36.17 -9.88
CA PHE F 172 -20.58 -37.28 -10.82
C PHE F 172 -19.30 -38.07 -10.57
N PRO F 173 -19.26 -38.88 -9.51
CA PRO F 173 -18.07 -39.71 -9.28
C PRO F 173 -17.72 -40.49 -10.53
N GLU F 174 -16.45 -40.45 -10.92
CA GLU F 174 -16.02 -41.37 -11.98
C GLU F 174 -15.76 -42.76 -11.41
N GLY F 175 -16.62 -43.24 -10.50
CA GLY F 175 -16.69 -44.66 -10.24
C GLY F 175 -18.08 -45.24 -10.10
N LYS F 176 -18.99 -44.47 -9.52
CA LYS F 176 -20.32 -45.00 -9.22
C LYS F 176 -21.17 -45.00 -10.47
N ALA F 177 -22.26 -45.77 -10.43
CA ALA F 177 -23.17 -45.77 -11.57
C ALA F 177 -23.70 -44.36 -11.81
N GLN F 178 -24.27 -43.74 -10.78
CA GLN F 178 -24.87 -42.41 -10.96
C GLN F 178 -24.53 -41.50 -9.78
N PHE F 179 -24.97 -40.24 -9.93
CA PHE F 179 -24.48 -39.09 -9.20
C PHE F 179 -25.08 -38.99 -7.79
N ALA F 180 -24.41 -38.21 -6.96
CA ALA F 180 -24.89 -37.90 -5.62
C ALA F 180 -25.32 -36.45 -5.55
N ASP F 181 -26.56 -36.21 -5.13
CA ASP F 181 -27.10 -34.88 -4.94
C ASP F 181 -27.07 -34.55 -3.45
N ILE F 182 -26.15 -33.67 -3.07
CA ILE F 182 -25.98 -33.21 -1.70
C ILE F 182 -26.78 -31.94 -1.51
N GLU F 183 -27.63 -31.92 -0.51
CA GLU F 183 -28.35 -30.68 -0.23
C GLU F 183 -27.52 -29.79 0.70
N PRO F 184 -27.52 -28.48 0.48
CA PRO F 184 -26.80 -27.57 1.39
C PRO F 184 -27.55 -27.34 2.70
N LYS F 185 -27.76 -28.42 3.45
CA LYS F 185 -28.44 -28.35 4.73
C LYS F 185 -27.54 -27.75 5.80
N PHE F 186 -28.16 -26.99 6.71
CA PHE F 186 -27.43 -26.28 7.76
C PHE F 186 -26.56 -27.21 8.57
N ASP F 187 -25.37 -26.71 8.95
CA ASP F 187 -24.41 -27.46 9.76
C ASP F 187 -24.05 -28.81 9.14
N ARG F 188 -23.85 -28.83 7.83
CA ARG F 188 -23.39 -30.02 7.13
C ARG F 188 -21.96 -29.82 6.66
N LEU F 189 -21.14 -30.85 6.83
CA LEU F 189 -19.73 -30.83 6.43
C LEU F 189 -19.52 -31.91 5.37
N LEU F 190 -18.90 -31.54 4.26
CA LEU F 190 -18.69 -32.45 3.15
C LEU F 190 -17.24 -32.49 2.74
N PHE F 191 -16.82 -33.67 2.29
CA PHE F 191 -15.49 -33.93 1.79
C PHE F 191 -15.61 -34.59 0.42
N PHE F 192 -14.73 -34.24 -0.51
CA PHE F 192 -14.60 -35.10 -1.70
C PHE F 192 -13.26 -34.84 -2.37
N TRP F 193 -12.77 -35.86 -3.06
CA TRP F 193 -11.52 -35.72 -3.80
C TRP F 193 -11.62 -34.58 -4.80
N SER F 194 -10.59 -33.74 -4.86
CA SER F 194 -10.62 -32.54 -5.69
C SER F 194 -10.21 -32.80 -7.13
N ASP F 195 -9.63 -33.95 -7.43
CA ASP F 195 -9.11 -34.20 -8.77
C ASP F 195 -10.25 -34.58 -9.71
N ARG F 196 -9.91 -35.07 -10.91
CA ARG F 196 -10.90 -35.33 -11.94
C ARG F 196 -11.93 -36.37 -11.52
N ARG F 197 -11.70 -37.07 -10.39
CA ARG F 197 -12.64 -38.09 -9.95
C ARG F 197 -14.02 -37.51 -9.64
N ASN F 198 -14.09 -36.25 -9.22
CA ASN F 198 -15.34 -35.65 -8.76
C ASN F 198 -15.66 -34.38 -9.53
N PRO F 199 -16.11 -34.53 -10.79
CA PRO F 199 -16.75 -33.40 -11.47
C PRO F 199 -18.05 -33.10 -10.75
N HIS F 200 -18.37 -31.82 -10.59
CA HIS F 200 -19.55 -31.47 -9.83
C HIS F 200 -20.09 -30.14 -10.30
N GLU F 201 -21.39 -29.95 -10.05
CA GLU F 201 -22.09 -28.74 -10.46
C GLU F 201 -23.01 -28.32 -9.32
N VAL F 202 -23.37 -27.05 -9.33
CA VAL F 202 -24.27 -26.47 -8.34
C VAL F 202 -25.56 -26.12 -9.07
N GLN F 203 -26.58 -26.95 -8.91
CA GLN F 203 -27.84 -26.69 -9.59
C GLN F 203 -28.36 -25.32 -9.15
N PRO F 204 -29.09 -24.63 -10.01
CA PRO F 204 -29.48 -23.24 -9.68
C PRO F 204 -30.09 -23.14 -8.29
N ALA F 205 -29.89 -21.98 -7.69
CA ALA F 205 -30.34 -21.71 -6.33
C ALA F 205 -31.21 -20.47 -6.36
N TYR F 206 -32.41 -20.58 -5.79
CA TYR F 206 -33.36 -19.47 -5.76
C TYR F 206 -33.54 -18.88 -4.38
N ALA F 207 -32.60 -19.18 -3.47
CA ALA F 207 -32.49 -18.55 -2.17
C ALA F 207 -31.03 -18.19 -1.95
N THR F 208 -30.79 -17.32 -0.96
CA THR F 208 -29.41 -16.98 -0.62
C THR F 208 -28.70 -18.23 -0.10
N ARG F 209 -27.60 -18.59 -0.75
CA ARG F 209 -26.93 -19.86 -0.47
C ARG F 209 -25.50 -19.57 0.00
N TYR F 210 -25.24 -19.80 1.27
CA TYR F 210 -23.93 -19.53 1.87
C TYR F 210 -23.18 -20.82 2.09
N ALA F 211 -21.88 -20.82 1.83
CA ALA F 211 -21.07 -22.00 2.10
C ALA F 211 -19.60 -21.64 2.19
N ILE F 212 -18.88 -22.34 3.07
CA ILE F 212 -17.46 -22.12 3.26
C ILE F 212 -16.71 -23.34 2.75
N THR F 213 -15.66 -23.12 1.96
CA THR F 213 -14.87 -24.19 1.40
C THR F 213 -13.41 -24.06 1.84
N VAL F 214 -12.77 -25.21 2.00
CA VAL F 214 -11.34 -25.28 2.29
C VAL F 214 -10.75 -26.42 1.47
N TRP F 215 -9.56 -26.20 0.94
CA TRP F 215 -8.88 -27.20 0.13
C TRP F 215 -7.61 -27.63 0.82
N TYR F 216 -7.47 -28.94 1.03
CA TYR F 216 -6.25 -29.49 1.60
C TYR F 216 -5.28 -29.86 0.49
N PHE F 217 -3.99 -29.70 0.81
CA PHE F 217 -2.92 -29.86 -0.15
C PHE F 217 -2.24 -31.21 0.05
N ASP F 218 -1.66 -31.73 -1.02
CA ASP F 218 -0.72 -32.85 -0.95
C ASP F 218 0.69 -32.30 -1.06
N ALA F 219 1.58 -32.76 -0.17
CA ALA F 219 2.90 -32.15 -0.08
C ALA F 219 3.65 -32.24 -1.42
N ASP F 220 3.74 -33.44 -2.00
CA ASP F 220 4.51 -33.60 -3.23
C ASP F 220 3.88 -32.82 -4.38
N GLU F 221 2.58 -33.03 -4.61
CA GLU F 221 1.91 -32.35 -5.72
C GLU F 221 2.02 -30.84 -5.58
N ARG F 222 1.81 -30.32 -4.37
CA ARG F 222 1.86 -28.87 -4.14
C ARG F 222 3.28 -28.35 -4.29
N ALA F 223 4.29 -29.13 -3.89
CA ALA F 223 5.67 -28.68 -4.03
C ALA F 223 6.10 -28.63 -5.48
N ARG F 224 5.61 -29.56 -6.31
CA ARG F 224 5.88 -29.47 -7.75
C ARG F 224 5.13 -28.30 -8.37
N ALA F 225 3.90 -28.07 -7.91
CA ALA F 225 3.07 -26.99 -8.44
C ALA F 225 3.71 -25.62 -8.20
N LYS F 226 4.20 -25.40 -6.98
CA LYS F 226 4.83 -24.12 -6.65
C LYS F 226 5.87 -23.74 -7.69
N VAL F 227 6.74 -24.68 -8.06
CA VAL F 227 7.79 -24.38 -9.03
C VAL F 227 7.19 -24.18 -10.41
N LYS F 228 6.33 -25.09 -10.84
CA LYS F 228 5.75 -24.99 -12.18
C LYS F 228 5.17 -23.60 -12.41
N TYR F 229 4.52 -23.03 -11.41
CA TYR F 229 3.89 -21.72 -11.60
C TYR F 229 4.88 -20.56 -11.49
N LEU F 230 5.44 -20.37 -10.30
CA LEU F 230 6.33 -19.24 -10.04
C LEU F 230 5.73 -17.93 -10.54
MN MN G . -13.76 10.56 19.12
C23 PW2 H . -18.86 11.28 22.31
O24 PW2 H . -19.67 10.53 22.89
C22 PW2 H . -17.84 10.70 21.34
C12 PW2 H . -9.30 21.85 17.08
C19 PW2 H . -15.03 12.76 19.67
C17 PW2 H . -13.08 13.65 18.88
C15 PW2 H . -10.65 17.45 18.88
C14 PW2 H . -9.27 17.56 19.13
C13 PW2 H . -8.61 18.75 18.84
C02 PW2 H . -15.51 14.02 20.02
C03 PW2 H . -14.74 15.13 19.76
C04 PW2 H . -13.51 14.93 19.19
C05 PW2 H . -12.68 16.17 18.91
C06 PW2 H . -13.37 17.25 18.36
C07 PW2 H . -12.70 18.41 18.08
C08 PW2 H . -11.33 18.51 18.34
C09 PW2 H . -10.67 19.70 18.05
C10 PW2 H . -9.31 19.83 18.29
C16 PW2 H . -11.33 16.24 19.18
C20 PW2 H . -15.90 11.56 19.98
N18 PW2 H . -13.84 12.61 19.13
N21 PW2 H . -16.95 11.78 20.95
O01 PW2 H . -16.77 14.16 20.61
O11 PW2 H . -8.66 21.03 18.00
O25 PW2 H . -18.86 12.52 22.54
O26 PW2 H . -15.72 10.51 19.47
H221 PW2 H . -18.30 10.35 20.54
H222 PW2 H . -17.35 9.98 21.75
H122 PW2 H . -8.69 22.55 16.79
H121 PW2 H . -10.08 22.26 17.49
H123 PW2 H . -9.58 21.33 16.31
H171 PW2 H . -12.24 13.53 18.49
H141 PW2 H . -8.80 16.85 19.50
H131 PW2 H . -7.70 18.84 19.01
H031 PW2 H . -15.05 15.99 19.98
H061 PW2 H . -14.28 17.18 18.19
H071 PW2 H . -13.16 19.15 17.72
H091 PW2 H . -11.14 20.42 17.69
H161 PW2 H . -10.87 15.51 19.54
H211 PW2 H . -17.05 12.55 21.31
H011 PW2 H . -17.27 14.62 20.08
MN MN I . 14.33 -26.68 -8.86
C23 PW2 J . 19.41 -26.68 -5.05
O24 PW2 J . 20.60 -27.06 -5.22
C22 PW2 J . 18.30 -27.19 -5.95
C12 PW2 J . 5.64 -19.74 -2.59
C19 PW2 J . 14.71 -25.69 -6.19
C17 PW2 J . 12.69 -24.92 -6.97
C15 PW2 J . 9.61 -22.31 -4.24
C14 PW2 J . 9.14 -21.98 -2.96
C13 PW2 J . 7.97 -21.24 -2.81
C02 PW2 J . 14.58 -24.98 -5.00
C03 PW2 J . 13.45 -24.21 -4.80
C04 PW2 J . 12.51 -24.19 -5.81
C05 PW2 J . 11.24 -23.38 -5.65
C06 PW2 J . 10.55 -22.95 -6.78
C07 PW2 J . 9.38 -22.21 -6.64
C08 PW2 J . 8.92 -21.89 -5.35
C09 PW2 J . 7.75 -21.14 -5.21
C10 PW2 J . 7.28 -20.82 -3.94
C16 PW2 J . 10.78 -23.06 -4.38
C20 PW2 J . 15.94 -26.55 -6.48
N18 PW2 J . 13.78 -25.63 -7.12
N21 PW2 J . 17.13 -26.38 -5.68
O01 PW2 J . 15.58 -25.04 -4.03
O11 PW2 J . 6.10 -20.06 -3.86
O25 PW2 J . 19.13 -25.86 -4.14
O26 PW2 J . 15.90 -27.35 -7.35
H221 PW2 J . 18.11 -28.13 -5.76
H222 PW2 J . 18.55 -27.11 -6.88
H122 PW2 J . 5.37 -20.55 -2.13
H121 PW2 J . 4.87 -19.14 -2.66
H123 PW2 J . 6.34 -19.29 -2.09
H171 PW2 J . 12.05 -24.90 -7.64
H141 PW2 J . 9.61 -22.27 -2.20
H131 PW2 J . 7.66 -21.02 -1.97
H031 PW2 J . 13.34 -23.72 -4.01
H061 PW2 J . 10.86 -23.16 -7.63
H071 PW2 J . 8.91 -21.92 -7.39
H091 PW2 J . 7.28 -20.86 -5.96
H161 PW2 J . 11.25 -23.35 -3.64
H211 PW2 J . 17.14 -25.79 -5.05
H011 PW2 J . 15.72 -25.85 -3.81
MN MN K . 0.30 25.57 -3.80
C23 PW2 L . 0.41 31.04 -7.25
O24 PW2 L . 0.23 31.41 -8.44
C22 PW2 L . 0.67 29.56 -6.97
C12 PW2 L . 5.18 29.84 7.22
C19 PW2 L . 1.51 28.28 -3.38
C17 PW2 L . 1.78 27.11 -1.43
C15 PW2 L . 3.99 28.84 2.51
C14 PW2 L . 5.03 29.68 2.96
C13 PW2 L . 5.45 29.61 4.28
C02 PW2 L . 1.90 29.46 -2.76
C03 PW2 L . 2.25 29.45 -1.42
C04 PW2 L . 2.17 28.24 -0.75
C05 PW2 L . 2.56 28.13 0.71
C06 PW2 L . 1.94 27.22 1.59
C07 PW2 L . 2.36 27.13 2.91
C08 PW2 L . 3.40 27.95 3.37
C09 PW2 L . 3.82 27.89 4.71
C10 PW2 L . 4.84 28.72 5.16
C16 PW2 L . 3.59 28.93 1.18
C20 PW2 L . 1.10 28.27 -4.85
N18 PW2 L . 1.46 27.15 -2.71
N21 PW2 L . 1.07 29.51 -5.57
O01 PW2 L . 1.96 30.66 -3.49
O11 PW2 L . 5.28 28.64 6.49
O25 PW2 L . 0.40 31.85 -6.30
O26 PW2 L . 0.80 27.25 -5.38
H221 PW2 L . 1.38 29.22 -7.53
H222 PW2 L . -0.13 29.04 -7.11
H122 PW2 L . 6.06 30.24 7.28
H121 PW2 L . 4.85 29.64 8.11
H123 PW2 L . 4.57 30.44 6.77
H171 PW2 L . 1.75 26.28 -0.98
H141 PW2 L . 5.42 30.28 2.37
H131 PW2 L . 6.14 30.16 4.57
H031 PW2 L . 2.54 30.23 -1.00
H061 PW2 L . 1.25 26.69 1.28
H071 PW2 L . 1.96 26.51 3.47
H091 PW2 L . 3.42 27.28 5.29
H161 PW2 L . 3.99 29.53 0.60
H211 PW2 L . 1.28 30.24 -5.17
H011 PW2 L . 1.67 31.30 -3.01
MN MN M . 16.70 10.98 17.51
C23 PW2 N . 21.94 10.92 21.24
O24 PW2 N . 23.07 10.39 21.08
C22 PW2 N . 20.75 10.43 20.44
C12 PW2 N . 8.84 18.73 23.50
C19 PW2 N . 17.30 12.14 20.26
C17 PW2 N . 15.27 12.98 19.61
C15 PW2 N . 12.26 15.39 22.50
C14 PW2 N . 11.83 15.70 23.80
C13 PW2 N . 10.64 16.38 23.98
C02 PW2 N . 17.22 12.76 21.49
C03 PW2 N . 16.11 13.53 21.80
C04 PW2 N . 15.14 13.64 20.82
C05 PW2 N . 13.86 14.42 21.03
C06 PW2 N . 13.10 14.78 19.93
C07 PW2 N . 11.91 15.46 20.10
C08 PW2 N . 11.51 15.76 21.41
C09 PW2 N . 10.31 16.45 21.59
C10 PW2 N . 9.88 16.75 22.86
C16 PW2 N . 13.46 14.71 22.31
C20 PW2 N . 18.50 11.30 19.90
N18 PW2 N . 16.34 12.27 19.36
N21 PW2 N . 19.61 11.22 20.81
O01 PW2 N . 18.26 12.61 22.41
O11 PW2 N . 8.68 17.44 23.02
O25 PW2 N . 21.77 11.87 22.04
O26 PW2 N . 18.52 10.71 18.88
H221 PW2 N . 20.58 9.49 20.66
H222 PW2 N . 20.93 10.51 19.50
H122 PW2 N . 8.81 18.72 24.47
H121 PW2 N . 8.14 19.30 23.16
H123 PW2 N . 9.71 19.08 23.21
H171 PW2 N . 14.60 13.04 18.97
H141 PW2 N . 12.35 15.45 24.54
H131 PW2 N . 10.35 16.59 24.83
H031 PW2 N . 16.02 13.95 22.63
H061 PW2 N . 13.40 14.57 19.07
H071 PW2 N . 11.41 15.71 19.38
H091 PW2 N . 9.79 16.71 20.86
H161 PW2 N . 13.98 14.44 23.04
H211 PW2 N . 19.60 11.65 21.56
H011 PW2 N . 18.58 13.38 22.60
MN MN O . -2.07 -12.48 -30.01
C23 PW2 P . -1.87 -6.98 -33.51
O24 PW2 P . -2.02 -6.69 -34.73
C22 PW2 P . -1.89 -8.43 -33.04
C12 PW2 P . 3.68 -8.65 -18.95
C19 PW2 P . -0.92 -9.62 -29.44
C17 PW2 P . -0.71 -10.76 -27.45
C15 PW2 P . 1.58 -9.14 -23.46
C14 PW2 P . 2.73 -8.48 -22.98
C13 PW2 P . 3.05 -8.56 -21.63
C02 PW2 P . -0.43 -8.45 -28.86
C03 PW2 P . -0.08 -8.45 -27.51
C04 PW2 P . -0.23 -9.63 -26.80
C05 PW2 P . 0.14 -9.72 -25.32
C06 PW2 P . -0.67 -10.46 -24.44
C07 PW2 P . -0.34 -10.54 -23.09
C08 PW2 P . 0.79 -9.87 -22.60
C09 PW2 P . 1.14 -9.95 -21.24
C10 PW2 P . 2.26 -9.29 -20.76
C16 PW2 P . 1.26 -9.06 -24.82
C20 PW2 P . -1.34 -9.67 -30.91
N18 PW2 P . -1.04 -10.70 -28.72
N21 PW2 P . -1.50 -8.44 -31.64
O01 PW2 P . -0.30 -7.27 -29.61
O11 PW2 P . 2.57 -9.38 -19.38
O25 PW2 P . -1.70 -6.06 -32.66
O26 PW2 P . -1.54 -10.72 -31.41
H221 PW2 P . -1.28 -8.96 -33.57
H222 PW2 P . -2.78 -8.80 -33.13
H122 PW2 P . 4.47 -8.95 -19.43
H121 PW2 P . 3.80 -8.79 -18.00
H123 PW2 P . 3.53 -7.71 -19.12
H171 PW2 P . -0.81 -11.55 -26.97
H141 PW2 P . 3.26 -7.99 -23.56
H131 PW2 P . 3.80 -8.12 -21.31
H031 PW2 P . 0.26 -7.68 -27.10
H061 PW2 P . -1.42 -10.90 -24.77
H071 PW2 P . -0.88 -11.03 -22.52
H091 PW2 P . 0.60 -10.44 -20.66
H161 PW2 P . 1.80 -8.57 -25.40
H211 PW2 P . -1.34 -7.69 -31.26
H011 PW2 P . 0.51 -7.15 -29.81
C1 GOL Q . -15.90 -2.57 -43.60
O1 GOL Q . -15.18 -1.70 -42.73
C2 GOL Q . -17.33 -2.75 -43.14
O2 GOL Q . -17.99 -1.50 -43.12
C3 GOL Q . -18.11 -3.73 -44.00
O3 GOL Q . -19.44 -3.87 -43.54
H11 GOL Q . -15.44 -3.46 -43.62
H12 GOL Q . -15.89 -2.20 -44.51
HO1 GOL Q . -15.57 -0.94 -42.74
H2 GOL Q . -17.31 -3.11 -42.21
HO2 GOL Q . -18.79 -1.62 -42.87
H31 GOL Q . -17.66 -4.61 -43.98
H32 GOL Q . -18.11 -3.41 -44.93
HO3 GOL Q . -19.84 -4.42 -44.05
S SO4 R . -5.92 -4.77 -46.09
O1 SO4 R . -6.39 -3.43 -45.75
O2 SO4 R . -6.92 -5.44 -46.91
O3 SO4 R . -4.67 -4.65 -46.85
O4 SO4 R . -5.67 -5.53 -44.87
MN MN S . -16.08 -26.77 -6.71
C23 PW2 T . -21.43 -26.17 -3.49
O24 PW2 T . -22.36 -26.91 -3.10
C22 PW2 T . -20.49 -26.65 -4.59
C12 PW2 T . -10.41 -16.18 -7.70
C19 PW2 T . -17.53 -24.52 -5.96
C17 PW2 T . -15.57 -23.71 -6.86
C15 PW2 T . -14.49 -18.97 -7.49
C14 PW2 T . -14.89 -17.66 -7.75
C13 PW2 T . -13.95 -16.67 -8.04
C02 PW2 T . -17.94 -23.24 -5.63
C03 PW2 T . -17.13 -22.15 -5.93
C04 PW2 T . -15.93 -22.41 -6.57
C05 PW2 T . -14.98 -21.28 -6.92
C06 PW2 T . -13.63 -21.57 -6.96
C07 PW2 T . -12.70 -20.59 -7.26
C08 PW2 T . -13.14 -19.29 -7.52
C09 PW2 T . -12.19 -18.30 -7.81
C10 PW2 T . -12.60 -17.00 -8.08
C16 PW2 T . -15.43 -19.98 -7.17
C20 PW2 T . -18.38 -25.72 -5.61
N18 PW2 T . -16.37 -24.71 -6.55
N21 PW2 T . -19.67 -25.52 -4.96
O01 PW2 T . -19.17 -23.04 -4.99
O11 PW2 T . -11.62 -16.03 -8.38
O25 PW2 T . -21.26 -25.02 -3.00
O26 PW2 T . -18.00 -26.81 -5.80
H221 PW2 T . -21.00 -26.96 -5.35
H222 PW2 T . -19.93 -27.38 -4.27
H122 PW2 T . -9.89 -16.88 -8.11
H121 PW2 T . -9.92 -15.35 -7.71
H123 PW2 T . -10.60 -16.43 -6.78
H171 PW2 T . -14.75 -23.89 -7.28
H141 PW2 T . -15.80 -17.44 -7.73
H131 PW2 T . -14.22 -15.81 -8.23
H031 PW2 T . -17.40 -21.29 -5.71
H061 PW2 T . -13.34 -22.44 -6.77
H071 PW2 T . -11.80 -20.79 -7.28
H091 PW2 T . -11.29 -18.52 -7.84
H161 PW2 T . -16.34 -19.78 -7.14
H211 PW2 T . -19.95 -24.72 -4.80
H011 PW2 T . -19.60 -22.43 -5.38
#